data_7F1M
#
_entry.id   7F1M
#
loop_
_entity.id
_entity.type
_entity.pdbx_description
1 polymer Nucleoprotein
2 polymer "RNA (5'-R(P*UP*UP*UP*UP*UP*U)-3')"
#
loop_
_entity_poly.entity_id
_entity_poly.type
_entity_poly.pdbx_seq_one_letter_code
_entity_poly.pdbx_strand_id
1 'polypeptide(L)'
;MDLHSLLELGTKPTAPHVRNKKVILFDTNHQVSICNQIIDAINSGIDLGDLLEGGLLTLCVEHYYNSDKDKFNTSPIAKY
LRDAGYEFDVIKNADATRFLDVIPNEPHYSPLILALKTLESTESQRGRIGLFLSFCSLFLPKLVVGDRASIEKALRQVTV
HQEQGIVTYPNHWLTTGHMKVIFGILRSSFILKFVLIYQGVNLVTGHDAYDSIISNSVGQTRFSGLLIVKTVLEFILQKT
DSGVTLHPLVRTSKVKNEVASFKQALSNLARHGEYAPFARVLNLSGINNLEHGLYPQLSAIALGVATAHGSTLAGVNVGE
QYQQLREAAYDAEVKLQRRHEHQEIQAIAEDDEERKILEQFHLQKTEITHSQTLAVLSQKREKLARLAAEIENNI
;
A,B
2 'polyribonucleotide' UUUUUU R,S
#
# COMPACT_ATOMS: atom_id res chain seq x y z
N MET A 1 -33.28 -42.38 9.52
CA MET A 1 -33.80 -41.02 9.47
C MET A 1 -32.70 -39.99 9.66
N ASP A 2 -32.45 -39.19 8.63
CA ASP A 2 -31.51 -38.09 8.73
C ASP A 2 -32.27 -36.84 9.14
N LEU A 3 -32.07 -36.40 10.38
CA LEU A 3 -32.77 -35.23 10.89
C LEU A 3 -32.21 -33.94 10.36
N HIS A 4 -31.01 -33.95 9.82
CA HIS A 4 -30.36 -32.73 9.37
C HIS A 4 -30.73 -32.33 7.97
N SER A 5 -31.48 -33.19 7.28
CA SER A 5 -32.02 -32.88 5.96
C SER A 5 -33.21 -31.94 6.03
N LEU A 6 -33.74 -31.70 7.22
CA LEU A 6 -34.82 -30.76 7.44
C LEU A 6 -34.36 -29.32 7.33
N LEU A 7 -33.06 -29.06 7.43
CA LEU A 7 -32.55 -27.69 7.32
C LEU A 7 -32.36 -27.25 5.89
N GLU A 8 -32.50 -28.15 4.93
CA GLU A 8 -32.39 -27.84 3.51
C GLU A 8 -33.72 -27.90 2.80
N LEU A 9 -34.82 -28.09 3.52
CA LEU A 9 -36.14 -28.17 2.94
C LEU A 9 -36.68 -26.77 2.73
N GLY A 10 -37.59 -26.63 1.77
CA GLY A 10 -38.20 -25.36 1.52
C GLY A 10 -37.35 -24.36 0.78
N THR A 11 -36.29 -24.81 0.10
CA THR A 11 -35.46 -23.93 -0.72
C THR A 11 -35.63 -24.23 -2.20
N LYS A 12 -35.39 -25.47 -2.60
CA LYS A 12 -35.44 -25.84 -4.01
C LYS A 12 -36.89 -25.94 -4.48
N PRO A 13 -37.20 -25.42 -5.66
CA PRO A 13 -38.51 -25.71 -6.26
C PRO A 13 -38.60 -27.17 -6.69
N THR A 14 -39.80 -27.74 -6.53
CA THR A 14 -39.96 -29.19 -6.71
C THR A 14 -40.40 -29.54 -8.13
N ALA A 15 -41.27 -28.74 -8.72
CA ALA A 15 -41.92 -29.03 -9.99
C ALA A 15 -41.71 -27.89 -10.96
N PRO A 16 -41.81 -28.14 -12.28
CA PRO A 16 -42.04 -27.03 -13.21
C PRO A 16 -43.42 -26.43 -12.97
N HIS A 17 -43.52 -25.13 -13.16
CA HIS A 17 -44.56 -24.38 -12.48
C HIS A 17 -45.77 -24.15 -13.38
N VAL A 18 -46.96 -24.19 -12.79
CA VAL A 18 -48.22 -24.15 -13.51
C VAL A 18 -48.78 -22.72 -13.50
N ARG A 19 -48.08 -21.76 -12.88
CA ARG A 19 -48.35 -20.33 -13.03
C ARG A 19 -48.18 -19.92 -14.49
N ASN A 20 -49.23 -19.35 -15.06
CA ASN A 20 -49.18 -18.89 -16.44
C ASN A 20 -49.52 -17.41 -16.54
N LYS A 21 -48.70 -16.70 -17.29
CA LYS A 21 -48.83 -15.28 -17.53
C LYS A 21 -49.37 -15.07 -18.94
N LYS A 22 -49.77 -13.84 -19.22
CA LYS A 22 -50.31 -13.49 -20.53
C LYS A 22 -49.67 -12.19 -20.97
N VAL A 23 -48.82 -12.26 -21.98
CA VAL A 23 -48.29 -11.07 -22.63
C VAL A 23 -48.80 -11.03 -24.08
N ILE A 24 -49.19 -9.87 -24.51
CA ILE A 24 -49.78 -9.71 -25.82
C ILE A 24 -48.71 -9.52 -26.87
N LEU A 25 -49.06 -9.84 -28.09
CA LEU A 25 -48.23 -9.58 -29.26
C LEU A 25 -49.09 -8.88 -30.29
N PHE A 26 -48.51 -7.92 -30.98
CA PHE A 26 -49.23 -7.12 -31.96
C PHE A 26 -48.85 -7.62 -33.34
N ASP A 27 -49.85 -7.97 -34.14
CA ASP A 27 -49.66 -8.51 -35.47
C ASP A 27 -50.32 -7.50 -36.40
N THR A 28 -49.52 -6.72 -37.09
CA THR A 28 -49.99 -5.53 -37.79
C THR A 28 -49.22 -5.52 -39.11
N ASN A 29 -49.77 -4.84 -40.13
CA ASN A 29 -49.04 -4.60 -41.36
C ASN A 29 -48.06 -3.44 -41.24
N HIS A 30 -48.11 -2.67 -40.17
CA HIS A 30 -47.32 -1.46 -40.06
C HIS A 30 -46.50 -1.49 -38.79
N GLN A 31 -45.77 -2.60 -38.58
CA GLN A 31 -45.17 -2.93 -37.29
C GLN A 31 -44.04 -1.99 -36.89
N VAL A 32 -43.33 -1.42 -37.86
CA VAL A 32 -42.24 -0.50 -37.59
C VAL A 32 -42.75 0.81 -37.01
N SER A 33 -43.88 1.29 -37.53
CA SER A 33 -44.44 2.53 -37.00
C SER A 33 -45.16 2.31 -35.67
N ILE A 34 -45.73 1.12 -35.47
CA ILE A 34 -46.32 0.73 -34.18
C ILE A 34 -45.25 0.68 -33.11
N CYS A 35 -44.10 0.07 -33.46
CA CYS A 35 -42.97 -0.07 -32.55
C CYS A 35 -42.34 1.28 -32.22
N ASN A 36 -42.25 2.18 -33.20
CA ASN A 36 -41.75 3.51 -32.92
C ASN A 36 -42.74 4.35 -32.13
N GLN A 37 -44.05 4.03 -32.23
CA GLN A 37 -45.02 4.69 -31.37
C GLN A 37 -44.92 4.20 -29.92
N ILE A 38 -44.56 2.94 -29.70
CA ILE A 38 -44.28 2.45 -28.35
C ILE A 38 -43.01 3.10 -27.78
N ILE A 39 -41.98 3.33 -28.63
CA ILE A 39 -40.74 4.02 -28.21
C ILE A 39 -41.02 5.45 -27.76
N ASP A 40 -41.78 6.21 -28.57
CA ASP A 40 -41.99 7.59 -28.12
C ASP A 40 -43.13 7.73 -27.13
N ALA A 41 -43.92 6.68 -26.89
CA ALA A 41 -44.82 6.70 -25.75
C ALA A 41 -44.10 6.44 -24.45
N ILE A 42 -43.13 5.51 -24.46
CA ILE A 42 -42.30 5.23 -23.27
C ILE A 42 -41.42 6.43 -22.93
N ASN A 43 -40.78 7.03 -23.96
CA ASN A 43 -39.91 8.19 -23.77
C ASN A 43 -40.63 9.45 -23.31
N SER A 44 -41.94 9.55 -23.54
CA SER A 44 -42.69 10.72 -23.14
C SER A 44 -43.18 10.67 -21.69
N GLY A 45 -42.97 9.56 -20.99
CA GLY A 45 -43.43 9.44 -19.62
C GLY A 45 -44.83 8.93 -19.47
N ILE A 46 -45.38 8.26 -20.48
CA ILE A 46 -46.73 7.70 -20.39
C ILE A 46 -46.64 6.34 -19.72
N ASP A 47 -47.30 6.20 -18.58
CA ASP A 47 -47.31 4.95 -17.81
C ASP A 47 -48.25 3.99 -18.52
N LEU A 48 -47.68 3.11 -19.34
CA LEU A 48 -48.50 2.24 -20.19
C LEU A 48 -48.54 0.89 -19.51
N GLY A 49 -49.34 0.81 -18.44
CA GLY A 49 -49.16 -0.07 -17.31
C GLY A 49 -49.17 -1.56 -17.53
N ASP A 50 -50.29 -2.13 -17.92
CA ASP A 50 -50.35 -3.57 -18.16
C ASP A 50 -49.90 -3.96 -19.54
N LEU A 51 -49.73 -2.99 -20.43
CA LEU A 51 -49.33 -3.26 -21.80
C LEU A 51 -47.86 -3.05 -22.01
N LEU A 52 -47.11 -2.86 -20.92
CA LEU A 52 -45.68 -2.59 -21.02
C LEU A 52 -44.90 -3.80 -21.47
N GLU A 53 -45.23 -4.96 -20.91
CA GLU A 53 -44.45 -6.16 -21.16
C GLU A 53 -44.73 -6.70 -22.54
N GLY A 54 -45.97 -6.54 -23.01
CA GLY A 54 -46.30 -6.91 -24.37
C GLY A 54 -45.78 -5.95 -25.40
N GLY A 55 -45.74 -4.66 -25.08
CA GLY A 55 -45.14 -3.68 -25.98
C GLY A 55 -43.65 -3.84 -26.13
N LEU A 56 -42.95 -4.13 -25.03
CA LEU A 56 -41.54 -4.42 -25.08
C LEU A 56 -41.24 -5.75 -25.78
N LEU A 57 -42.14 -6.74 -25.67
CA LEU A 57 -41.99 -7.96 -26.45
C LEU A 57 -42.20 -7.72 -27.94
N THR A 58 -43.09 -6.79 -28.32
CA THR A 58 -43.24 -6.47 -29.75
C THR A 58 -42.04 -5.74 -30.32
N LEU A 59 -41.39 -4.88 -29.52
CA LEU A 59 -40.12 -4.26 -29.94
C LEU A 59 -39.03 -5.29 -30.14
N CYS A 60 -38.92 -6.24 -29.22
CA CYS A 60 -37.85 -7.22 -29.32
C CYS A 60 -38.10 -8.26 -30.40
N VAL A 61 -39.35 -8.65 -30.65
CA VAL A 61 -39.66 -9.57 -31.75
C VAL A 61 -39.52 -8.87 -33.10
N GLU A 62 -39.84 -7.57 -33.16
CA GLU A 62 -39.70 -6.80 -34.40
C GLU A 62 -38.24 -6.55 -34.75
N HIS A 63 -37.40 -6.29 -33.75
CA HIS A 63 -35.98 -6.11 -34.01
C HIS A 63 -35.29 -7.43 -34.33
N TYR A 64 -35.55 -8.47 -33.56
CA TYR A 64 -34.70 -9.64 -33.69
C TYR A 64 -35.23 -10.66 -34.68
N TYR A 65 -36.52 -10.67 -34.96
CA TYR A 65 -37.10 -11.75 -35.75
C TYR A 65 -37.99 -11.27 -36.88
N ASN A 66 -37.98 -9.97 -37.18
CA ASN A 66 -38.77 -9.28 -38.22
C ASN A 66 -40.29 -9.40 -38.01
N SER A 67 -40.70 -9.61 -36.75
CA SER A 67 -42.08 -9.70 -36.27
C SER A 67 -42.92 -10.73 -37.01
N ASP A 68 -42.32 -11.86 -37.35
CA ASP A 68 -43.08 -12.81 -38.17
C ASP A 68 -43.94 -13.76 -37.36
N LYS A 69 -43.59 -13.98 -36.09
CA LYS A 69 -44.25 -14.84 -35.11
C LYS A 69 -44.25 -16.31 -35.52
N ASP A 70 -43.36 -16.74 -36.40
CA ASP A 70 -43.33 -18.13 -36.80
C ASP A 70 -41.94 -18.70 -36.54
N LYS A 71 -40.87 -17.96 -36.87
CA LYS A 71 -39.56 -18.37 -36.39
C LYS A 71 -39.28 -17.85 -35.01
N PHE A 72 -40.11 -16.94 -34.49
CA PHE A 72 -40.02 -16.60 -33.06
C PHE A 72 -40.43 -17.76 -32.19
N ASN A 73 -41.49 -18.48 -32.56
CA ASN A 73 -42.01 -19.56 -31.74
C ASN A 73 -41.13 -20.80 -31.75
N THR A 74 -40.34 -20.99 -32.80
CA THR A 74 -39.38 -22.08 -32.84
C THR A 74 -38.15 -21.77 -31.98
N SER A 75 -37.79 -20.48 -31.91
CA SER A 75 -36.57 -19.96 -31.31
C SER A 75 -36.50 -20.22 -29.80
N PRO A 76 -35.30 -20.36 -29.22
CA PRO A 76 -35.21 -20.76 -27.82
C PRO A 76 -35.54 -19.69 -26.78
N ILE A 77 -35.69 -18.43 -27.21
CA ILE A 77 -36.29 -17.41 -26.34
C ILE A 77 -37.72 -17.80 -25.98
N ALA A 78 -38.50 -18.20 -26.96
CA ALA A 78 -39.89 -18.54 -26.70
C ALA A 78 -40.03 -19.90 -26.05
N LYS A 79 -39.09 -20.82 -26.26
CA LYS A 79 -39.11 -22.07 -25.53
C LYS A 79 -38.79 -21.86 -24.04
N TYR A 80 -37.84 -20.97 -23.76
CA TYR A 80 -37.53 -20.59 -22.38
C TYR A 80 -38.68 -19.86 -21.70
N LEU A 81 -39.29 -18.90 -22.40
CA LEU A 81 -40.41 -18.16 -21.83
C LEU A 81 -41.68 -18.99 -21.77
N ARG A 82 -41.80 -20.03 -22.59
CA ARG A 82 -42.93 -20.93 -22.44
C ARG A 82 -42.74 -21.87 -21.28
N ASP A 83 -41.51 -22.28 -20.99
CA ASP A 83 -41.28 -23.04 -19.77
C ASP A 83 -41.32 -22.17 -18.52
N ALA A 84 -41.10 -20.88 -18.65
CA ALA A 84 -41.19 -19.98 -17.50
C ALA A 84 -42.63 -19.68 -17.11
N GLY A 85 -43.58 -19.92 -18.00
CA GLY A 85 -44.98 -19.68 -17.70
C GLY A 85 -45.54 -18.44 -18.36
N TYR A 86 -45.12 -18.17 -19.60
CA TYR A 86 -45.72 -17.09 -20.37
C TYR A 86 -46.58 -17.69 -21.48
N GLU A 87 -47.59 -16.95 -21.89
CA GLU A 87 -48.44 -17.33 -22.99
C GLU A 87 -48.61 -16.11 -23.89
N PHE A 88 -48.47 -16.30 -25.19
CA PHE A 88 -48.50 -15.21 -26.14
C PHE A 88 -49.84 -15.21 -26.86
N ASP A 89 -50.70 -14.26 -26.51
CA ASP A 89 -51.94 -14.06 -27.25
C ASP A 89 -51.78 -12.92 -28.24
N VAL A 90 -51.93 -13.25 -29.52
CA VAL A 90 -51.47 -12.40 -30.60
C VAL A 90 -52.63 -11.52 -31.06
N ILE A 91 -52.53 -10.21 -30.82
CA ILE A 91 -53.63 -9.29 -31.10
C ILE A 91 -53.53 -8.94 -32.58
N LYS A 92 -54.16 -9.76 -33.42
CA LYS A 92 -54.03 -9.63 -34.88
C LYS A 92 -54.94 -8.52 -35.36
N ASN A 93 -54.36 -7.54 -36.03
CA ASN A 93 -55.10 -6.39 -36.55
C ASN A 93 -54.33 -5.94 -37.79
N ALA A 94 -54.78 -6.38 -38.96
CA ALA A 94 -54.00 -6.15 -40.17
C ALA A 94 -54.11 -4.72 -40.69
N ASP A 95 -55.15 -3.98 -40.32
CA ASP A 95 -55.35 -2.65 -40.87
C ASP A 95 -55.08 -1.56 -39.86
N ALA A 96 -54.32 -1.85 -38.82
CA ALA A 96 -54.03 -0.86 -37.79
C ALA A 96 -52.86 0.01 -38.23
N THR A 97 -52.93 1.29 -37.92
CA THR A 97 -51.86 2.20 -38.30
C THR A 97 -51.40 3.08 -37.14
N ARG A 98 -52.06 3.03 -36.00
CA ARG A 98 -51.63 3.78 -34.82
C ARG A 98 -51.65 2.86 -33.62
N PHE A 99 -50.99 3.29 -32.55
CA PHE A 99 -50.91 2.51 -31.32
C PHE A 99 -52.25 2.48 -30.59
N LEU A 100 -53.13 3.47 -30.83
CA LEU A 100 -54.44 3.50 -30.18
C LEU A 100 -55.37 2.42 -30.72
N ASP A 101 -55.16 2.01 -31.96
CA ASP A 101 -56.13 1.14 -32.62
C ASP A 101 -55.91 -0.33 -32.32
N VAL A 102 -54.87 -0.66 -31.56
CA VAL A 102 -54.53 -2.06 -31.29
C VAL A 102 -54.69 -2.41 -29.81
N ILE A 103 -54.89 -1.42 -28.96
CA ILE A 103 -55.17 -1.62 -27.53
C ILE A 103 -56.57 -2.20 -27.37
N PRO A 104 -56.76 -3.28 -26.60
CA PRO A 104 -58.08 -3.91 -26.50
C PRO A 104 -59.06 -3.07 -25.69
N ASN A 105 -60.34 -3.38 -25.87
CA ASN A 105 -61.42 -2.55 -25.35
C ASN A 105 -61.75 -2.99 -23.93
N GLU A 106 -60.98 -2.49 -22.98
CA GLU A 106 -61.14 -2.76 -21.57
C GLU A 106 -61.29 -1.44 -20.84
N PRO A 107 -61.96 -1.40 -19.69
CA PRO A 107 -62.15 -0.11 -19.00
C PRO A 107 -60.90 0.45 -18.36
N HIS A 108 -59.93 -0.39 -17.99
CA HIS A 108 -58.79 0.10 -17.24
C HIS A 108 -57.64 0.56 -18.13
N TYR A 109 -57.80 0.49 -19.45
CA TYR A 109 -56.82 1.08 -20.34
C TYR A 109 -57.18 2.51 -20.75
N SER A 110 -58.30 3.03 -20.27
CA SER A 110 -58.78 4.37 -20.61
C SER A 110 -57.91 5.57 -20.21
N PRO A 111 -57.13 5.57 -19.11
CA PRO A 111 -56.08 6.60 -19.00
C PRO A 111 -55.00 6.51 -20.05
N LEU A 112 -54.66 5.31 -20.53
CA LEU A 112 -53.66 5.18 -21.58
C LEU A 112 -54.22 5.64 -22.92
N ILE A 113 -55.49 5.33 -23.21
CA ILE A 113 -56.18 5.80 -24.41
C ILE A 113 -56.28 7.32 -24.42
N LEU A 114 -56.57 7.92 -23.26
CA LEU A 114 -56.60 9.38 -23.18
C LEU A 114 -55.17 9.97 -23.23
N ALA A 115 -54.17 9.21 -22.79
CA ALA A 115 -52.80 9.68 -22.78
C ALA A 115 -52.17 9.67 -24.17
N LEU A 116 -52.58 8.74 -25.03
CA LEU A 116 -51.94 8.57 -26.33
C LEU A 116 -52.57 9.40 -27.44
N LYS A 117 -53.67 10.12 -27.19
CA LYS A 117 -54.21 10.99 -28.23
C LYS A 117 -53.36 12.23 -28.40
N THR A 118 -52.81 12.74 -27.32
CA THR A 118 -52.02 13.96 -27.34
C THR A 118 -50.57 13.68 -27.73
N LEU A 119 -50.18 12.41 -27.81
CA LEU A 119 -48.80 12.02 -28.11
C LEU A 119 -48.48 12.25 -29.57
N GLU A 120 -47.48 13.10 -29.81
CA GLU A 120 -47.02 13.37 -31.16
C GLU A 120 -45.90 12.42 -31.52
N SER A 121 -45.91 11.94 -32.75
CA SER A 121 -44.90 11.02 -33.25
C SER A 121 -44.12 11.69 -34.36
N THR A 122 -42.81 11.66 -34.24
CA THR A 122 -41.93 12.00 -35.35
C THR A 122 -41.65 10.70 -36.09
N GLU A 123 -41.72 10.77 -37.42
CA GLU A 123 -41.49 9.58 -38.24
C GLU A 123 -40.01 9.23 -38.24
N SER A 124 -39.71 7.96 -38.01
CA SER A 124 -38.33 7.55 -37.81
C SER A 124 -38.16 6.15 -38.36
N GLN A 125 -36.91 5.70 -38.39
CA GLN A 125 -36.53 4.50 -39.12
C GLN A 125 -36.79 3.27 -38.28
N ARG A 126 -36.44 2.11 -38.82
CA ARG A 126 -36.40 0.87 -38.05
C ARG A 126 -35.29 0.87 -37.01
N GLY A 127 -34.20 1.59 -37.23
CA GLY A 127 -33.07 1.56 -36.35
C GLY A 127 -33.19 2.35 -35.07
N ARG A 128 -34.27 3.10 -34.88
CA ARG A 128 -34.54 3.70 -33.57
C ARG A 128 -34.93 2.64 -32.54
N ILE A 129 -35.49 1.52 -32.99
CA ILE A 129 -35.77 0.38 -32.12
C ILE A 129 -34.50 -0.24 -31.60
N GLY A 130 -33.52 -0.49 -32.48
CA GLY A 130 -32.24 -1.03 -32.03
C GLY A 130 -31.41 -0.05 -31.25
N LEU A 131 -31.61 1.25 -31.50
CA LEU A 131 -31.01 2.28 -30.67
C LEU A 131 -31.57 2.27 -29.25
N PHE A 132 -32.88 2.03 -29.12
CA PHE A 132 -33.53 1.93 -27.82
C PHE A 132 -33.08 0.70 -27.04
N LEU A 133 -33.02 -0.46 -27.70
CA LEU A 133 -32.53 -1.67 -27.02
C LEU A 133 -31.05 -1.60 -26.67
N SER A 134 -30.21 -0.97 -27.47
CA SER A 134 -28.81 -0.81 -27.07
C SER A 134 -28.65 0.23 -25.96
N PHE A 135 -29.53 1.22 -25.89
CA PHE A 135 -29.52 2.14 -24.75
C PHE A 135 -30.02 1.46 -23.48
N CYS A 136 -31.02 0.59 -23.59
CA CYS A 136 -31.52 -0.15 -22.44
C CYS A 136 -30.55 -1.19 -21.96
N SER A 137 -29.64 -1.69 -22.79
CA SER A 137 -28.62 -2.60 -22.28
C SER A 137 -27.55 -1.92 -21.45
N LEU A 138 -27.39 -0.61 -21.55
CA LEU A 138 -26.35 0.07 -20.79
C LEU A 138 -26.66 0.21 -19.32
N PHE A 139 -27.91 -0.03 -18.91
CA PHE A 139 -28.27 -0.02 -17.51
C PHE A 139 -28.09 -1.37 -16.87
N LEU A 140 -27.76 -2.40 -17.63
CA LEU A 140 -27.71 -3.77 -17.14
C LEU A 140 -26.55 -4.06 -16.18
N PRO A 141 -25.26 -3.71 -16.43
CA PRO A 141 -24.33 -3.81 -15.31
C PRO A 141 -24.58 -2.67 -14.35
N LYS A 142 -24.46 -2.99 -13.06
CA LYS A 142 -24.85 -2.16 -11.92
C LYS A 142 -26.35 -1.78 -11.95
N LEU A 143 -27.19 -2.72 -12.40
CA LEU A 143 -28.64 -2.57 -12.28
C LEU A 143 -29.11 -2.89 -10.86
N VAL A 144 -28.55 -3.92 -10.25
CA VAL A 144 -28.97 -4.35 -8.92
C VAL A 144 -28.30 -3.55 -7.81
N VAL A 145 -27.38 -2.66 -8.15
CA VAL A 145 -26.73 -1.81 -7.16
C VAL A 145 -27.61 -0.62 -6.81
N GLY A 146 -28.35 -0.08 -7.77
CA GLY A 146 -29.23 1.02 -7.45
C GLY A 146 -29.62 1.74 -8.72
N ASP A 147 -30.19 2.92 -8.54
CA ASP A 147 -30.48 3.70 -9.73
C ASP A 147 -29.39 4.68 -10.04
N ARG A 148 -28.72 5.25 -9.03
CA ARG A 148 -27.64 6.20 -9.27
C ARG A 148 -26.40 5.51 -9.80
N ALA A 149 -26.15 4.28 -9.33
CA ALA A 149 -25.04 3.49 -9.84
C ALA A 149 -25.28 3.04 -11.27
N SER A 150 -26.54 2.73 -11.61
CA SER A 150 -26.89 2.38 -12.98
C SER A 150 -26.80 3.56 -13.92
N ILE A 151 -27.22 4.73 -13.46
CA ILE A 151 -27.23 5.90 -14.32
C ILE A 151 -25.83 6.45 -14.51
N GLU A 152 -24.96 6.33 -13.50
CA GLU A 152 -23.57 6.75 -13.67
C GLU A 152 -22.77 5.78 -14.53
N LYS A 153 -23.00 4.47 -14.39
CA LYS A 153 -22.37 3.48 -15.25
C LYS A 153 -22.86 3.60 -16.68
N ALA A 154 -24.13 3.95 -16.87
CA ALA A 154 -24.68 4.09 -18.21
C ALA A 154 -24.19 5.37 -18.88
N LEU A 155 -23.99 6.45 -18.13
CA LEU A 155 -23.42 7.68 -18.70
C LEU A 155 -21.96 7.47 -19.10
N ARG A 156 -21.21 6.72 -18.29
CA ARG A 156 -19.83 6.35 -18.62
C ARG A 156 -19.77 5.48 -19.87
N GLN A 157 -20.74 4.59 -20.03
CA GLN A 157 -20.78 3.77 -21.24
C GLN A 157 -21.23 4.53 -22.46
N VAL A 158 -22.04 5.59 -22.29
CA VAL A 158 -22.36 6.50 -23.40
C VAL A 158 -21.12 7.22 -23.90
N THR A 159 -20.28 7.74 -22.99
CA THR A 159 -19.07 8.45 -23.46
C THR A 159 -18.01 7.52 -24.03
N VAL A 160 -17.93 6.28 -23.50
CA VAL A 160 -17.03 5.26 -24.06
C VAL A 160 -17.47 4.86 -25.46
N HIS A 161 -18.77 4.67 -25.68
CA HIS A 161 -19.26 4.27 -26.99
C HIS A 161 -19.36 5.41 -27.97
N GLN A 162 -19.30 6.65 -27.51
CA GLN A 162 -19.22 7.77 -28.44
C GLN A 162 -17.81 8.18 -28.80
N GLU A 163 -16.79 7.83 -27.98
CA GLU A 163 -15.42 8.02 -28.43
C GLU A 163 -15.08 6.99 -29.51
N GLN A 164 -15.66 5.80 -29.41
CA GLN A 164 -15.52 4.76 -30.42
C GLN A 164 -16.15 5.14 -31.75
N GLY A 165 -17.13 6.04 -31.77
CA GLY A 165 -17.84 6.32 -32.99
C GLY A 165 -18.84 5.28 -33.39
N ILE A 166 -19.20 4.37 -32.47
CA ILE A 166 -20.18 3.34 -32.75
C ILE A 166 -21.59 3.94 -32.82
N VAL A 167 -21.92 4.82 -31.88
CA VAL A 167 -23.31 5.25 -31.69
C VAL A 167 -23.28 6.74 -31.36
N THR A 168 -24.44 7.39 -31.51
CA THR A 168 -24.73 8.67 -30.90
C THR A 168 -26.21 8.70 -30.59
N TYR A 169 -26.56 8.93 -29.29
CA TYR A 169 -27.87 9.07 -28.68
C TYR A 169 -28.30 10.52 -28.69
N PRO A 170 -29.61 10.80 -28.80
CA PRO A 170 -30.09 12.19 -28.71
C PRO A 170 -29.92 12.78 -27.33
N ASN A 171 -29.79 14.10 -27.27
CA ASN A 171 -29.43 14.77 -26.03
C ASN A 171 -30.56 14.82 -25.02
N HIS A 172 -31.80 14.60 -25.43
CA HIS A 172 -32.88 14.50 -24.46
C HIS A 172 -33.06 13.07 -23.97
N TRP A 173 -32.28 12.12 -24.46
CA TRP A 173 -32.25 10.80 -23.87
C TRP A 173 -31.32 10.74 -22.68
N LEU A 174 -30.45 11.73 -22.51
CA LEU A 174 -29.39 11.65 -21.53
C LEU A 174 -29.65 12.51 -20.32
N THR A 175 -30.84 13.07 -20.19
CA THR A 175 -31.20 13.76 -18.97
C THR A 175 -31.53 12.75 -17.88
N THR A 176 -31.46 13.21 -16.63
CA THR A 176 -31.56 12.28 -15.52
C THR A 176 -32.99 11.81 -15.25
N GLY A 177 -33.99 12.59 -15.65
CA GLY A 177 -35.37 12.12 -15.56
C GLY A 177 -35.67 11.00 -16.53
N HIS A 178 -35.14 11.10 -17.76
CA HIS A 178 -35.35 10.05 -18.74
C HIS A 178 -34.54 8.80 -18.42
N MET A 179 -33.34 8.94 -17.83
CA MET A 179 -32.61 7.74 -17.47
C MET A 179 -33.18 7.09 -16.22
N LYS A 180 -33.86 7.87 -15.37
CA LYS A 180 -34.69 7.31 -14.31
C LYS A 180 -35.86 6.49 -14.86
N VAL A 181 -36.53 6.96 -15.92
CA VAL A 181 -37.68 6.17 -16.39
C VAL A 181 -37.24 4.96 -17.21
N ILE A 182 -36.04 4.97 -17.79
CA ILE A 182 -35.57 3.78 -18.50
C ILE A 182 -35.00 2.74 -17.51
N PHE A 183 -34.43 3.19 -16.38
CA PHE A 183 -34.10 2.28 -15.28
C PHE A 183 -35.37 1.64 -14.69
N GLY A 184 -36.43 2.44 -14.57
CA GLY A 184 -37.70 1.93 -14.07
C GLY A 184 -38.33 0.90 -14.97
N ILE A 185 -38.29 1.11 -16.29
CA ILE A 185 -38.89 0.10 -17.15
C ILE A 185 -37.98 -1.09 -17.38
N LEU A 186 -36.69 -1.01 -17.06
CA LEU A 186 -35.84 -2.17 -17.26
C LEU A 186 -35.78 -3.06 -16.02
N ARG A 187 -35.86 -2.48 -14.83
CA ARG A 187 -35.76 -3.23 -13.57
C ARG A 187 -36.94 -4.18 -13.38
N SER A 188 -38.12 -3.80 -13.86
CA SER A 188 -39.35 -4.54 -13.62
C SER A 188 -39.64 -5.59 -14.68
N SER A 189 -39.22 -5.40 -15.92
CA SER A 189 -39.55 -6.32 -17.00
C SER A 189 -38.56 -7.48 -17.01
N PHE A 190 -39.09 -8.70 -16.91
CA PHE A 190 -38.23 -9.87 -17.05
C PHE A 190 -37.85 -10.12 -18.50
N ILE A 191 -38.78 -9.94 -19.44
CA ILE A 191 -38.57 -10.30 -20.84
C ILE A 191 -37.54 -9.39 -21.49
N LEU A 192 -37.52 -8.10 -21.14
CA LEU A 192 -36.55 -7.16 -21.72
C LEU A 192 -35.12 -7.48 -21.30
N LYS A 193 -34.90 -7.73 -20.01
CA LYS A 193 -33.58 -8.11 -19.50
C LYS A 193 -33.14 -9.47 -20.01
N PHE A 194 -34.07 -10.43 -20.11
CA PHE A 194 -33.73 -11.76 -20.56
C PHE A 194 -33.37 -11.79 -22.04
N VAL A 195 -34.10 -11.07 -22.89
CA VAL A 195 -33.75 -11.13 -24.29
C VAL A 195 -32.55 -10.24 -24.60
N LEU A 196 -32.25 -9.22 -23.78
CA LEU A 196 -30.97 -8.53 -23.93
C LEU A 196 -29.81 -9.43 -23.51
N ILE A 197 -30.00 -10.24 -22.47
CA ILE A 197 -29.00 -11.20 -22.03
C ILE A 197 -28.82 -12.33 -23.04
N TYR A 198 -29.92 -12.82 -23.64
CA TYR A 198 -29.84 -13.94 -24.60
C TYR A 198 -29.20 -13.51 -25.91
N GLN A 199 -29.59 -12.36 -26.46
CA GLN A 199 -28.96 -11.94 -27.69
C GLN A 199 -27.59 -11.33 -27.45
N GLY A 200 -27.26 -10.94 -26.22
CA GLY A 200 -25.88 -10.59 -25.92
C GLY A 200 -24.96 -11.79 -25.84
N VAL A 201 -25.41 -12.87 -25.23
CA VAL A 201 -24.55 -14.02 -25.05
C VAL A 201 -24.44 -14.83 -26.34
N ASN A 202 -25.57 -15.12 -26.98
CA ASN A 202 -25.59 -16.18 -27.98
C ASN A 202 -25.40 -15.70 -29.40
N LEU A 203 -25.21 -14.41 -29.65
CA LEU A 203 -24.90 -13.96 -31.00
C LEU A 203 -23.41 -14.13 -31.25
N VAL A 204 -23.07 -14.94 -32.23
CA VAL A 204 -21.67 -15.22 -32.50
C VAL A 204 -21.08 -14.13 -33.37
N THR A 205 -21.61 -13.93 -34.57
CA THR A 205 -20.79 -13.36 -35.63
C THR A 205 -21.18 -11.98 -36.12
N GLY A 206 -22.37 -11.79 -36.68
CA GLY A 206 -22.51 -10.58 -37.45
C GLY A 206 -23.09 -9.43 -36.69
N HIS A 207 -22.23 -8.61 -36.10
CA HIS A 207 -22.65 -7.58 -35.16
C HIS A 207 -22.75 -6.25 -35.89
N ASP A 208 -23.87 -5.56 -35.73
CA ASP A 208 -23.91 -4.15 -36.08
C ASP A 208 -23.55 -3.32 -34.84
N ALA A 209 -23.87 -2.03 -34.85
CA ALA A 209 -23.49 -1.15 -33.74
C ALA A 209 -24.25 -1.50 -32.47
N TYR A 210 -25.51 -1.83 -32.62
CA TYR A 210 -26.38 -2.10 -31.49
C TYR A 210 -26.11 -3.47 -30.90
N ASP A 211 -25.81 -4.45 -31.74
CA ASP A 211 -25.49 -5.79 -31.29
C ASP A 211 -24.19 -5.82 -30.53
N SER A 212 -23.23 -4.99 -30.94
CA SER A 212 -21.96 -4.90 -30.24
C SER A 212 -22.09 -4.16 -28.92
N ILE A 213 -22.96 -3.14 -28.84
CA ILE A 213 -23.23 -2.45 -27.56
C ILE A 213 -23.91 -3.38 -26.56
N ILE A 214 -24.91 -4.15 -27.03
CA ILE A 214 -25.63 -5.10 -26.18
C ILE A 214 -24.72 -6.24 -25.74
N SER A 215 -23.82 -6.70 -26.61
CA SER A 215 -22.93 -7.79 -26.26
C SER A 215 -21.84 -7.35 -25.29
N ASN A 216 -21.38 -6.10 -25.43
CA ASN A 216 -20.43 -5.53 -24.48
C ASN A 216 -21.04 -5.30 -23.12
N SER A 217 -22.29 -4.87 -23.07
CA SER A 217 -22.92 -4.59 -21.78
C SER A 217 -23.41 -5.83 -21.07
N VAL A 218 -23.76 -6.88 -21.80
CA VAL A 218 -24.06 -8.16 -21.17
C VAL A 218 -22.78 -8.84 -20.70
N GLY A 219 -21.64 -8.56 -21.36
CA GLY A 219 -20.38 -9.09 -20.87
C GLY A 219 -19.86 -8.48 -19.58
N GLN A 220 -20.31 -7.28 -19.22
CA GLN A 220 -19.95 -6.66 -17.96
C GLN A 220 -20.97 -6.90 -16.86
N THR A 221 -22.03 -7.65 -17.13
CA THR A 221 -23.10 -7.94 -16.20
C THR A 221 -22.90 -9.32 -15.57
N ARG A 222 -21.83 -10.00 -15.94
CA ARG A 222 -21.57 -11.35 -15.44
C ARG A 222 -21.12 -11.29 -13.99
N PHE A 223 -21.88 -11.97 -13.13
CA PHE A 223 -21.78 -11.95 -11.67
C PHE A 223 -21.88 -10.54 -11.13
N SER A 224 -23.03 -9.92 -11.39
CA SER A 224 -23.23 -8.52 -11.08
C SER A 224 -23.56 -8.32 -9.60
N GLY A 225 -24.55 -9.02 -9.10
CA GLY A 225 -24.84 -8.94 -7.69
C GLY A 225 -24.32 -10.14 -6.94
N LEU A 226 -23.32 -10.79 -7.48
CA LEU A 226 -22.80 -12.04 -6.96
C LEU A 226 -21.30 -11.94 -6.79
N LEU A 227 -20.85 -10.89 -6.10
CA LEU A 227 -19.43 -10.72 -5.79
C LEU A 227 -18.92 -11.74 -4.81
N ILE A 228 -19.80 -12.26 -3.95
CA ILE A 228 -19.43 -13.28 -2.97
C ILE A 228 -19.07 -14.60 -3.65
N VAL A 229 -19.74 -14.92 -4.76
CA VAL A 229 -19.44 -16.12 -5.56
C VAL A 229 -18.06 -16.02 -6.18
N LYS A 230 -17.72 -14.84 -6.67
CA LYS A 230 -16.47 -14.63 -7.38
C LYS A 230 -15.29 -14.58 -6.42
N THR A 231 -15.46 -13.94 -5.25
CA THR A 231 -14.38 -13.85 -4.28
C THR A 231 -14.16 -15.17 -3.54
N VAL A 232 -15.22 -15.93 -3.22
CA VAL A 232 -15.02 -17.22 -2.56
C VAL A 232 -14.44 -18.24 -3.53
N LEU A 233 -14.96 -18.30 -4.77
CA LEU A 233 -14.49 -19.33 -5.70
C LEU A 233 -13.11 -19.02 -6.27
N GLU A 234 -12.69 -17.77 -6.30
CA GLU A 234 -11.32 -17.50 -6.68
C GLU A 234 -10.37 -17.66 -5.50
N PHE A 235 -10.63 -16.99 -4.38
CA PHE A 235 -9.58 -16.79 -3.40
C PHE A 235 -9.68 -17.67 -2.16
N ILE A 236 -10.81 -18.30 -1.89
CA ILE A 236 -11.00 -19.07 -0.68
C ILE A 236 -10.96 -20.56 -0.94
N LEU A 237 -11.70 -21.02 -1.94
CA LEU A 237 -11.60 -22.41 -2.38
C LEU A 237 -10.67 -22.46 -3.58
N GLN A 238 -9.36 -22.51 -3.32
CA GLN A 238 -8.42 -22.62 -4.43
C GLN A 238 -8.49 -24.02 -5.02
N LYS A 239 -8.45 -24.09 -6.34
CA LYS A 239 -8.38 -25.35 -7.06
C LYS A 239 -6.92 -25.63 -7.39
N THR A 240 -6.47 -26.84 -7.09
CA THR A 240 -5.20 -27.29 -7.60
C THR A 240 -5.48 -28.31 -8.70
N ASP A 241 -4.42 -28.94 -9.22
CA ASP A 241 -4.64 -30.10 -10.09
C ASP A 241 -5.07 -31.31 -9.28
N SER A 242 -4.66 -31.38 -8.02
CA SER A 242 -5.08 -32.48 -7.14
C SER A 242 -6.51 -32.31 -6.66
N GLY A 243 -6.94 -31.08 -6.41
CA GLY A 243 -8.30 -30.84 -6.00
C GLY A 243 -8.45 -29.50 -5.30
N VAL A 244 -9.64 -29.30 -4.74
CA VAL A 244 -10.02 -28.06 -4.10
C VAL A 244 -9.60 -28.11 -2.63
N THR A 245 -8.84 -27.10 -2.19
CA THR A 245 -8.40 -27.00 -0.81
C THR A 245 -8.79 -25.64 -0.25
N LEU A 246 -9.04 -25.62 1.06
CA LEU A 246 -9.52 -24.43 1.73
C LEU A 246 -8.40 -23.42 1.96
N HIS A 247 -8.73 -22.36 2.42
CA HIS A 247 -7.84 -21.29 2.81
C HIS A 247 -7.52 -21.40 4.29
N PRO A 248 -6.35 -20.95 4.75
CA PRO A 248 -6.03 -21.00 6.19
C PRO A 248 -6.86 -20.12 7.09
N LEU A 249 -7.50 -19.09 6.57
CA LEU A 249 -8.30 -18.23 7.44
C LEU A 249 -9.73 -18.71 7.58
N VAL A 250 -10.12 -19.76 6.84
CA VAL A 250 -11.43 -20.35 6.94
C VAL A 250 -11.37 -21.79 7.40
N ARG A 251 -10.21 -22.27 7.81
CA ARG A 251 -10.02 -23.68 8.10
C ARG A 251 -10.12 -23.96 9.60
N THR A 252 -11.22 -23.53 10.21
CA THR A 252 -11.47 -23.85 11.61
C THR A 252 -12.83 -24.51 11.75
N SER A 253 -13.33 -24.64 12.97
CA SER A 253 -14.62 -25.24 13.18
C SER A 253 -15.73 -24.23 13.35
N LYS A 254 -15.39 -22.97 13.58
CA LYS A 254 -16.40 -21.92 13.56
C LYS A 254 -16.85 -21.54 12.16
N VAL A 255 -16.08 -21.88 11.12
CA VAL A 255 -16.37 -21.39 9.78
C VAL A 255 -16.98 -22.50 8.92
N LYS A 256 -16.77 -23.77 9.29
CA LYS A 256 -16.98 -24.91 8.39
C LYS A 256 -18.44 -25.18 8.05
N ASN A 257 -19.38 -24.70 8.87
CA ASN A 257 -20.79 -24.79 8.50
C ASN A 257 -21.13 -23.82 7.39
N GLU A 258 -20.52 -22.63 7.38
CA GLU A 258 -20.73 -21.67 6.31
C GLU A 258 -20.08 -22.11 5.01
N VAL A 259 -18.95 -22.79 5.08
CA VAL A 259 -18.28 -23.29 3.88
C VAL A 259 -19.09 -24.42 3.27
N ALA A 260 -19.56 -25.36 4.10
CA ALA A 260 -20.37 -26.46 3.60
C ALA A 260 -21.77 -26.01 3.18
N SER A 261 -22.27 -24.94 3.74
CA SER A 261 -23.54 -24.36 3.33
C SER A 261 -23.40 -23.57 2.03
N PHE A 262 -22.27 -22.88 1.84
CA PHE A 262 -22.00 -22.16 0.60
C PHE A 262 -21.79 -23.08 -0.58
N LYS A 263 -21.22 -24.26 -0.35
CA LYS A 263 -21.05 -25.19 -1.47
C LYS A 263 -22.38 -25.80 -1.90
N GLN A 264 -23.34 -25.92 -0.97
CA GLN A 264 -24.68 -26.35 -1.33
C GLN A 264 -25.44 -25.24 -2.07
N ALA A 265 -25.25 -23.98 -1.68
CA ALA A 265 -25.87 -22.86 -2.39
C ALA A 265 -25.34 -22.69 -3.79
N LEU A 266 -24.04 -22.94 -3.99
CA LEU A 266 -23.48 -22.89 -5.33
C LEU A 266 -23.91 -24.06 -6.20
N SER A 267 -24.05 -25.25 -5.62
CA SER A 267 -24.57 -26.37 -6.39
C SER A 267 -26.05 -26.22 -6.70
N ASN A 268 -26.80 -25.45 -5.90
CA ASN A 268 -28.13 -25.06 -6.31
C ASN A 268 -28.12 -24.07 -7.46
N LEU A 269 -27.24 -23.06 -7.39
CA LEU A 269 -27.15 -22.01 -8.40
C LEU A 269 -26.72 -22.52 -9.77
N ALA A 270 -25.92 -23.55 -9.82
CA ALA A 270 -25.49 -24.06 -11.13
C ALA A 270 -26.50 -25.00 -11.79
N ARG A 271 -27.76 -25.04 -11.36
CA ARG A 271 -28.80 -25.71 -12.11
C ARG A 271 -29.33 -24.89 -13.27
N HIS A 272 -29.00 -23.60 -13.30
CA HIS A 272 -29.58 -22.71 -14.29
C HIS A 272 -28.80 -22.64 -15.58
N GLY A 273 -27.71 -23.40 -15.71
CA GLY A 273 -27.01 -23.52 -16.97
C GLY A 273 -26.19 -22.30 -17.31
N GLU A 274 -26.45 -21.69 -18.45
CA GLU A 274 -25.70 -20.53 -18.88
C GLU A 274 -26.24 -19.22 -18.34
N TYR A 275 -27.29 -19.25 -17.52
CA TYR A 275 -27.85 -18.03 -16.94
C TYR A 275 -27.55 -17.93 -15.46
N ALA A 276 -26.69 -18.80 -14.96
CA ALA A 276 -26.20 -18.67 -13.59
C ALA A 276 -25.31 -17.45 -13.29
N PRO A 277 -24.51 -16.86 -14.21
CA PRO A 277 -23.92 -15.55 -13.89
C PRO A 277 -24.91 -14.41 -13.82
N PHE A 278 -26.07 -14.57 -14.43
CA PHE A 278 -27.07 -13.52 -14.51
C PHE A 278 -28.21 -13.79 -13.55
N ALA A 279 -27.91 -14.44 -12.45
CA ALA A 279 -28.92 -14.91 -11.55
C ALA A 279 -29.53 -13.82 -10.68
N ARG A 280 -28.74 -12.82 -10.27
CA ARG A 280 -29.29 -11.75 -9.46
C ARG A 280 -30.08 -10.76 -10.29
N VAL A 281 -29.68 -10.53 -11.55
CA VAL A 281 -30.45 -9.63 -12.41
C VAL A 281 -31.75 -10.28 -12.88
N LEU A 282 -31.73 -11.56 -13.21
CA LEU A 282 -32.93 -12.24 -13.67
C LEU A 282 -33.78 -12.78 -12.52
N ASN A 283 -33.31 -12.64 -11.27
CA ASN A 283 -33.94 -13.06 -10.02
C ASN A 283 -34.31 -14.55 -10.03
N LEU A 284 -33.30 -15.38 -10.20
CA LEU A 284 -33.53 -16.80 -10.33
C LEU A 284 -33.74 -17.42 -8.95
N SER A 285 -33.91 -18.73 -8.88
CA SER A 285 -34.46 -19.33 -7.68
C SER A 285 -33.43 -19.55 -6.58
N GLY A 286 -32.14 -19.56 -6.88
CA GLY A 286 -31.17 -19.79 -5.83
C GLY A 286 -30.63 -18.56 -5.13
N ILE A 287 -31.32 -17.44 -5.29
CA ILE A 287 -30.75 -16.13 -4.99
C ILE A 287 -30.79 -15.79 -3.51
N ASN A 288 -31.76 -16.34 -2.78
CA ASN A 288 -31.88 -16.10 -1.35
C ASN A 288 -30.81 -16.81 -0.55
N ASN A 289 -30.20 -17.85 -1.08
CA ASN A 289 -29.24 -18.64 -0.36
C ASN A 289 -27.82 -18.13 -0.50
N LEU A 290 -27.63 -16.96 -1.11
CA LEU A 290 -26.29 -16.45 -1.35
C LEU A 290 -26.18 -15.01 -0.92
N GLU A 291 -26.79 -14.66 0.20
CA GLU A 291 -26.68 -13.30 0.66
C GLU A 291 -25.55 -13.16 1.66
N HIS A 292 -25.21 -11.91 1.99
CA HIS A 292 -24.12 -11.65 2.90
C HIS A 292 -24.51 -11.99 4.32
N GLY A 293 -25.76 -11.76 4.69
CA GLY A 293 -26.24 -12.03 6.03
C GLY A 293 -26.49 -13.47 6.33
N LEU A 294 -26.40 -14.35 5.35
CA LEU A 294 -26.39 -15.78 5.61
C LEU A 294 -25.00 -16.32 5.86
N TYR A 295 -23.97 -15.63 5.43
CA TYR A 295 -22.58 -16.03 5.63
C TYR A 295 -21.83 -14.82 6.15
N PRO A 296 -21.97 -14.49 7.44
CA PRO A 296 -21.38 -13.24 7.93
C PRO A 296 -19.88 -13.31 8.14
N GLN A 297 -19.31 -14.50 8.24
CA GLN A 297 -17.87 -14.64 8.41
C GLN A 297 -17.15 -15.00 7.12
N LEU A 298 -17.75 -15.84 6.28
CA LEU A 298 -17.16 -16.25 5.02
C LEU A 298 -17.05 -15.09 4.03
N SER A 299 -18.02 -14.17 4.06
CA SER A 299 -18.05 -13.08 3.11
C SER A 299 -17.04 -11.98 3.43
N ALA A 300 -16.88 -11.62 4.70
CA ALA A 300 -15.94 -10.55 5.04
C ALA A 300 -14.50 -11.01 4.96
N ILE A 301 -14.24 -12.28 5.30
CA ILE A 301 -12.91 -12.88 5.14
C ILE A 301 -12.55 -13.00 3.67
N ALA A 302 -13.51 -13.42 2.84
CA ALA A 302 -13.25 -13.58 1.40
C ALA A 302 -13.04 -12.25 0.70
N LEU A 303 -13.74 -11.20 1.14
CA LEU A 303 -13.48 -9.89 0.58
C LEU A 303 -12.15 -9.30 1.06
N GLY A 304 -11.72 -9.59 2.29
CA GLY A 304 -10.41 -9.15 2.73
C GLY A 304 -9.26 -9.82 2.00
N VAL A 305 -9.40 -11.10 1.71
CA VAL A 305 -8.38 -11.83 0.95
C VAL A 305 -8.34 -11.36 -0.51
N ALA A 306 -9.52 -11.11 -1.10
CA ALA A 306 -9.64 -10.56 -2.44
C ALA A 306 -9.08 -9.14 -2.57
N THR A 307 -9.30 -8.29 -1.56
CA THR A 307 -8.74 -6.95 -1.55
C THR A 307 -7.23 -6.96 -1.39
N ALA A 308 -6.70 -7.95 -0.67
CA ALA A 308 -5.25 -8.09 -0.59
C ALA A 308 -4.63 -8.51 -1.91
N HIS A 309 -5.36 -9.23 -2.75
CA HIS A 309 -4.78 -9.57 -4.05
C HIS A 309 -4.92 -8.44 -5.08
N GLY A 310 -6.01 -7.70 -5.09
CA GLY A 310 -6.26 -6.72 -6.15
C GLY A 310 -6.56 -5.32 -5.65
N SER A 311 -6.14 -4.32 -6.42
CA SER A 311 -6.29 -2.92 -6.03
C SER A 311 -7.72 -2.41 -6.06
N THR A 312 -8.57 -2.91 -6.95
CA THR A 312 -9.83 -2.22 -7.19
C THR A 312 -10.94 -2.62 -6.24
N LEU A 313 -10.82 -3.78 -5.58
CA LEU A 313 -11.79 -4.28 -4.60
C LEU A 313 -11.67 -3.63 -3.24
N ALA A 314 -10.90 -2.57 -3.09
CA ALA A 314 -10.95 -1.70 -1.93
C ALA A 314 -11.91 -0.57 -2.11
N GLY A 315 -12.75 -0.62 -3.13
CA GLY A 315 -13.84 0.31 -3.29
C GLY A 315 -15.18 -0.28 -2.98
N VAL A 316 -15.24 -1.58 -2.68
CA VAL A 316 -16.49 -2.26 -2.39
C VAL A 316 -16.96 -1.87 -0.99
N ASN A 317 -18.17 -1.35 -0.91
CA ASN A 317 -18.78 -1.07 0.38
C ASN A 317 -19.38 -2.32 0.97
N VAL A 318 -19.28 -2.46 2.28
CA VAL A 318 -19.96 -3.47 3.04
C VAL A 318 -20.73 -2.77 4.14
N GLY A 319 -21.50 -3.54 4.89
CA GLY A 319 -22.14 -3.00 6.07
C GLY A 319 -21.13 -2.79 7.18
N GLU A 320 -21.55 -2.05 8.20
CA GLU A 320 -20.69 -1.74 9.34
C GLU A 320 -20.39 -2.95 10.21
N GLN A 321 -21.21 -4.00 10.14
CA GLN A 321 -21.01 -5.23 10.87
C GLN A 321 -20.13 -6.22 10.13
N TYR A 322 -19.50 -5.82 9.02
CA TYR A 322 -18.53 -6.67 8.35
C TYR A 322 -17.19 -6.00 8.08
N GLN A 323 -16.99 -4.75 8.48
CA GLN A 323 -15.84 -3.97 8.05
C GLN A 323 -14.55 -4.39 8.74
N GLN A 324 -14.60 -4.64 10.05
CA GLN A 324 -13.38 -4.89 10.79
C GLN A 324 -12.82 -6.28 10.55
N LEU A 325 -13.67 -7.25 10.28
CA LEU A 325 -13.20 -8.57 9.90
C LEU A 325 -12.63 -8.58 8.49
N ARG A 326 -13.15 -7.71 7.62
CA ARG A 326 -12.57 -7.50 6.30
C ARG A 326 -11.19 -6.89 6.40
N GLU A 327 -11.03 -5.91 7.28
CA GLU A 327 -9.75 -5.25 7.49
C GLU A 327 -8.73 -6.19 8.14
N ALA A 328 -9.19 -7.08 9.01
CA ALA A 328 -8.31 -8.03 9.68
C ALA A 328 -7.84 -9.13 8.73
N ALA A 329 -8.73 -9.65 7.88
CA ALA A 329 -8.31 -10.67 6.92
C ALA A 329 -7.44 -10.08 5.83
N TYR A 330 -7.63 -8.79 5.52
CA TYR A 330 -6.75 -8.07 4.62
C TYR A 330 -5.32 -7.99 5.14
N ASP A 331 -5.16 -7.65 6.43
CA ASP A 331 -3.83 -7.60 7.05
C ASP A 331 -3.15 -8.96 7.14
N ALA A 332 -3.90 -9.99 7.52
CA ALA A 332 -3.37 -11.35 7.59
C ALA A 332 -2.96 -11.90 6.23
N GLU A 333 -3.73 -11.59 5.18
CA GLU A 333 -3.39 -12.08 3.87
C GLU A 333 -2.22 -11.33 3.25
N VAL A 334 -2.03 -10.05 3.61
CA VAL A 334 -0.84 -9.29 3.20
C VAL A 334 0.44 -9.91 3.77
N LYS A 335 0.41 -10.29 5.05
CA LYS A 335 1.59 -10.91 5.66
C LYS A 335 1.87 -12.32 5.13
N LEU A 336 0.81 -13.12 4.94
CA LEU A 336 0.97 -14.48 4.40
C LEU A 336 1.43 -14.47 2.95
N GLN A 337 0.97 -13.51 2.17
CA GLN A 337 1.32 -13.46 0.76
C GLN A 337 2.74 -12.94 0.55
N ARG A 338 3.25 -12.07 1.43
CA ARG A 338 4.65 -11.69 1.27
C ARG A 338 5.61 -12.80 1.69
N ARG A 339 5.18 -13.65 2.65
CA ARG A 339 5.97 -14.86 2.98
C ARG A 339 6.01 -15.84 1.82
N HIS A 340 4.87 -16.02 1.14
CA HIS A 340 4.79 -16.94 0.01
C HIS A 340 5.58 -16.46 -1.20
N GLU A 341 5.56 -15.14 -1.49
CA GLU A 341 6.29 -14.73 -2.69
C GLU A 341 7.78 -14.67 -2.44
N HIS A 342 8.22 -14.48 -1.19
CA HIS A 342 9.64 -14.60 -0.90
C HIS A 342 10.15 -16.02 -1.10
N GLN A 343 9.36 -17.02 -0.68
CA GLN A 343 9.72 -18.41 -0.93
C GLN A 343 9.70 -18.78 -2.41
N GLU A 344 8.76 -18.23 -3.17
CA GLU A 344 8.69 -18.56 -4.60
C GLU A 344 9.80 -17.90 -5.42
N ILE A 345 10.22 -16.68 -5.06
CA ILE A 345 11.36 -16.03 -5.70
C ILE A 345 12.65 -16.82 -5.42
N GLN A 346 12.80 -17.35 -4.19
CA GLN A 346 13.92 -18.28 -3.94
C GLN A 346 13.78 -19.61 -4.67
N ALA A 347 12.58 -20.00 -5.07
CA ALA A 347 12.42 -21.25 -5.80
C ALA A 347 12.72 -21.12 -7.29
N ILE A 348 12.30 -20.03 -7.93
CA ILE A 348 12.30 -20.03 -9.41
C ILE A 348 13.50 -19.37 -10.04
N ALA A 349 14.43 -18.83 -9.26
CA ALA A 349 15.63 -18.23 -9.86
C ALA A 349 16.68 -19.30 -10.14
N GLU A 350 17.77 -18.88 -10.79
CA GLU A 350 18.89 -19.76 -11.07
C GLU A 350 20.21 -19.29 -10.49
N ASP A 351 20.43 -17.98 -10.38
CA ASP A 351 21.65 -17.44 -9.82
C ASP A 351 21.31 -16.58 -8.63
N ASP A 352 22.31 -15.86 -8.11
CA ASP A 352 22.04 -14.79 -7.17
C ASP A 352 21.73 -13.50 -7.89
N GLU A 353 22.25 -13.33 -9.10
CA GLU A 353 21.97 -12.14 -9.88
C GLU A 353 20.54 -12.16 -10.40
N GLU A 354 20.06 -13.35 -10.77
CA GLU A 354 18.68 -13.51 -11.22
C GLU A 354 17.70 -13.28 -10.08
N ARG A 355 17.98 -13.80 -8.89
CA ARG A 355 17.09 -13.52 -7.76
C ARG A 355 17.21 -12.10 -7.25
N LYS A 356 18.31 -11.40 -7.53
CA LYS A 356 18.37 -9.99 -7.18
C LYS A 356 17.49 -9.14 -8.09
N ILE A 357 17.45 -9.48 -9.39
CA ILE A 357 16.58 -8.77 -10.32
C ILE A 357 15.10 -9.08 -10.06
N LEU A 358 14.76 -10.35 -9.86
CA LEU A 358 13.38 -10.72 -9.53
C LEU A 358 12.91 -10.24 -8.17
N GLU A 359 13.80 -10.12 -7.18
CA GLU A 359 13.44 -9.53 -5.91
C GLU A 359 13.14 -8.05 -6.02
N GLN A 360 13.95 -7.31 -6.78
CA GLN A 360 13.71 -5.89 -6.96
C GLN A 360 12.43 -5.60 -7.74
N PHE A 361 12.09 -6.49 -8.69
CA PHE A 361 10.84 -6.35 -9.43
C PHE A 361 9.62 -6.62 -8.56
N HIS A 362 9.63 -7.69 -7.76
CA HIS A 362 8.42 -8.01 -7.01
C HIS A 362 8.21 -7.10 -5.81
N LEU A 363 9.27 -6.55 -5.22
CA LEU A 363 9.06 -5.51 -4.22
C LEU A 363 8.55 -4.21 -4.80
N GLN A 364 8.98 -3.83 -6.02
CA GLN A 364 8.39 -2.64 -6.63
C GLN A 364 6.94 -2.85 -7.04
N LYS A 365 6.59 -4.06 -7.47
CA LYS A 365 5.22 -4.42 -7.83
C LYS A 365 4.27 -4.40 -6.64
N THR A 366 4.73 -4.90 -5.48
CA THR A 366 3.93 -4.84 -4.26
C THR A 366 3.74 -3.40 -3.76
N GLU A 367 4.75 -2.55 -3.89
CA GLU A 367 4.58 -1.15 -3.52
C GLU A 367 3.64 -0.40 -4.46
N ILE A 368 3.60 -0.80 -5.74
CA ILE A 368 2.67 -0.24 -6.71
C ILE A 368 1.23 -0.58 -6.34
N THR A 369 0.95 -1.86 -6.01
CA THR A 369 -0.42 -2.23 -5.66
C THR A 369 -0.87 -1.68 -4.31
N HIS A 370 0.06 -1.49 -3.35
CA HIS A 370 -0.32 -0.88 -2.09
C HIS A 370 -0.63 0.60 -2.23
N SER A 371 0.10 1.32 -3.09
CA SER A 371 -0.21 2.73 -3.28
C SER A 371 -1.47 2.94 -4.10
N GLN A 372 -1.77 2.02 -5.01
CA GLN A 372 -3.03 2.04 -5.73
C GLN A 372 -4.22 1.72 -4.82
N THR A 373 -4.04 0.79 -3.88
CA THR A 373 -5.08 0.45 -2.91
C THR A 373 -5.40 1.61 -1.98
N LEU A 374 -4.37 2.35 -1.55
CA LEU A 374 -4.59 3.55 -0.74
C LEU A 374 -5.27 4.67 -1.52
N ALA A 375 -4.98 4.78 -2.83
CA ALA A 375 -5.67 5.76 -3.68
C ALA A 375 -7.15 5.45 -3.85
N VAL A 376 -7.49 4.16 -4.02
CA VAL A 376 -8.88 3.72 -4.14
C VAL A 376 -9.63 3.95 -2.83
N LEU A 377 -8.97 3.71 -1.69
CA LEU A 377 -9.56 3.95 -0.37
C LEU A 377 -9.84 5.42 -0.10
N SER A 378 -8.93 6.30 -0.52
CA SER A 378 -9.13 7.73 -0.31
C SER A 378 -10.24 8.30 -1.20
N GLN A 379 -10.32 7.85 -2.45
CA GLN A 379 -11.43 8.34 -3.27
C GLN A 379 -12.76 7.68 -2.93
N LYS A 380 -12.75 6.49 -2.33
CA LYS A 380 -13.97 5.89 -1.79
C LYS A 380 -14.50 6.68 -0.61
N ARG A 381 -13.59 7.10 0.29
CA ARG A 381 -13.95 7.91 1.45
C ARG A 381 -14.50 9.27 1.04
N GLU A 382 -13.90 9.88 0.00
CA GLU A 382 -14.41 11.16 -0.47
C GLU A 382 -15.74 11.02 -1.23
N LYS A 383 -15.95 9.90 -1.93
CA LYS A 383 -17.24 9.64 -2.59
C LYS A 383 -18.36 9.43 -1.59
N LEU A 384 -18.09 8.69 -0.50
CA LEU A 384 -19.07 8.50 0.57
C LEU A 384 -19.37 9.80 1.31
N ALA A 385 -18.34 10.65 1.49
CA ALA A 385 -18.54 11.94 2.13
C ALA A 385 -19.33 12.90 1.25
N ARG A 386 -19.13 12.84 -0.07
CA ARG A 386 -19.88 13.69 -0.99
C ARG A 386 -21.33 13.23 -1.12
N LEU A 387 -21.57 11.92 -1.08
CA LEU A 387 -22.95 11.42 -1.09
C LEU A 387 -23.67 11.75 0.20
N ALA A 388 -22.97 11.71 1.35
CA ALA A 388 -23.58 12.13 2.61
C ALA A 388 -23.82 13.64 2.67
N ALA A 389 -22.96 14.44 2.03
CA ALA A 389 -23.20 15.88 1.93
C ALA A 389 -24.37 16.20 1.01
N GLU A 390 -24.60 15.38 -0.02
CA GLU A 390 -25.78 15.56 -0.85
C GLU A 390 -27.05 15.11 -0.15
N ILE A 391 -26.97 14.04 0.65
CA ILE A 391 -28.11 13.56 1.42
C ILE A 391 -28.47 14.55 2.54
N GLU A 392 -27.47 15.19 3.14
CA GLU A 392 -27.72 16.28 4.08
C GLU A 392 -28.25 17.52 3.38
N ASN A 393 -27.80 17.78 2.15
CA ASN A 393 -28.33 18.89 1.37
C ASN A 393 -29.76 18.61 0.89
N ASN A 394 -30.06 17.35 0.57
CA ASN A 394 -31.39 16.97 0.14
C ASN A 394 -32.11 16.18 1.23
N MET C 1 9.31 -27.87 35.21
CA MET C 1 9.42 -26.95 34.08
C MET C 1 10.74 -26.21 34.10
N ASP C 2 11.06 -25.53 33.00
CA ASP C 2 12.28 -24.75 32.89
C ASP C 2 12.06 -23.40 33.55
N LEU C 3 12.53 -23.26 34.78
CA LEU C 3 12.33 -22.04 35.55
C LEU C 3 13.27 -20.92 35.16
N HIS C 4 14.31 -21.20 34.40
CA HIS C 4 15.23 -20.19 33.89
C HIS C 4 14.73 -19.48 32.65
N SER C 5 13.55 -19.85 32.16
CA SER C 5 12.86 -19.08 31.15
C SER C 5 12.10 -17.89 31.70
N LEU C 6 11.94 -17.78 33.03
CA LEU C 6 11.37 -16.59 33.65
C LEU C 6 12.21 -15.35 33.49
N LEU C 7 13.51 -15.48 33.29
CA LEU C 7 14.35 -14.31 33.16
C LEU C 7 14.23 -13.68 31.78
N GLU C 8 13.67 -14.40 30.81
CA GLU C 8 13.54 -13.93 29.43
C GLU C 8 12.15 -13.46 29.09
N LEU C 9 11.25 -13.31 30.06
CA LEU C 9 9.91 -12.83 29.75
C LEU C 9 9.86 -11.31 29.84
N GLY C 10 8.93 -10.73 29.08
CA GLY C 10 8.82 -9.29 29.01
C GLY C 10 9.91 -8.61 28.23
N THR C 11 10.61 -9.34 27.38
CA THR C 11 11.77 -8.82 26.66
C THR C 11 11.41 -8.41 25.23
N LYS C 12 11.00 -9.37 24.41
CA LYS C 12 10.63 -9.44 23.01
C LYS C 12 9.13 -9.22 22.87
N PRO C 13 8.68 -8.46 21.86
CA PRO C 13 7.25 -8.14 21.77
C PRO C 13 6.46 -9.30 21.20
N THR C 14 5.25 -9.49 21.74
CA THR C 14 4.41 -10.59 21.31
C THR C 14 3.23 -10.17 20.46
N ALA C 15 2.88 -8.89 20.48
CA ALA C 15 1.84 -8.34 19.61
C ALA C 15 2.23 -6.92 19.22
N PRO C 16 3.09 -6.77 18.21
CA PRO C 16 3.74 -5.47 17.96
C PRO C 16 2.82 -4.41 17.39
N HIS C 17 3.00 -3.20 17.88
CA HIS C 17 2.09 -2.10 17.67
C HIS C 17 2.88 -0.95 17.06
N VAL C 18 2.27 -0.23 16.14
CA VAL C 18 2.85 1.00 15.61
C VAL C 18 1.83 2.12 15.74
N ARG C 19 2.32 3.33 15.90
CA ARG C 19 1.46 4.49 15.99
C ARG C 19 1.55 5.29 14.69
N ASN C 20 0.39 5.70 14.19
CA ASN C 20 0.35 6.46 12.95
C ASN C 20 0.83 7.88 13.16
N LYS C 21 1.68 8.35 12.25
CA LYS C 21 2.22 9.71 12.28
C LYS C 21 1.94 10.35 10.93
N LYS C 22 1.09 11.35 10.90
CA LYS C 22 0.67 11.98 9.65
C LYS C 22 1.69 13.06 9.28
N VAL C 23 2.36 12.89 8.14
CA VAL C 23 3.41 13.82 7.71
C VAL C 23 3.04 14.41 6.35
N ILE C 24 3.20 15.73 6.22
CA ILE C 24 2.59 16.51 5.15
C ILE C 24 3.63 16.77 4.07
N LEU C 25 3.43 16.21 2.89
CA LEU C 25 4.34 16.42 1.78
C LEU C 25 3.82 17.53 0.89
N PHE C 26 4.61 18.58 0.69
CA PHE C 26 4.16 19.72 -0.09
C PHE C 26 4.44 19.51 -1.57
N ASP C 27 3.49 19.89 -2.42
CA ASP C 27 3.62 19.70 -3.87
C ASP C 27 3.11 20.92 -4.61
N THR C 28 4.03 21.79 -5.00
CA THR C 28 3.75 22.96 -5.81
C THR C 28 4.39 22.77 -7.19
N ASN C 29 4.37 23.83 -7.98
CA ASN C 29 5.14 23.86 -9.22
C ASN C 29 6.47 24.59 -9.04
N HIS C 30 6.55 25.50 -8.08
CA HIS C 30 7.79 26.21 -7.79
C HIS C 30 8.52 25.53 -6.62
N GLN C 31 8.89 24.26 -6.82
CA GLN C 31 9.30 23.40 -5.71
C GLN C 31 10.68 23.74 -5.16
N VAL C 32 11.61 24.16 -6.03
CA VAL C 32 12.95 24.55 -5.62
C VAL C 32 12.91 25.83 -4.78
N SER C 33 12.00 26.74 -5.11
CA SER C 33 11.82 27.96 -4.33
C SER C 33 11.20 27.67 -2.96
N ILE C 34 10.26 26.72 -2.88
CA ILE C 34 9.67 26.31 -1.61
C ILE C 34 10.70 25.64 -0.73
N CYS C 35 11.55 24.79 -1.32
CA CYS C 35 12.59 24.10 -0.56
C CYS C 35 13.69 25.05 -0.10
N ASN C 36 14.01 26.08 -0.90
CA ASN C 36 14.98 27.08 -0.44
C ASN C 36 14.40 27.98 0.64
N GLN C 37 13.09 28.23 0.63
CA GLN C 37 12.52 28.97 1.76
C GLN C 37 12.38 28.11 3.02
N ILE C 38 12.24 26.79 2.88
CA ILE C 38 12.29 25.91 4.05
C ILE C 38 13.70 25.87 4.63
N ILE C 39 14.72 25.89 3.77
CA ILE C 39 16.12 25.98 4.19
C ILE C 39 16.41 27.30 4.90
N ASP C 40 15.88 28.41 4.37
CA ASP C 40 16.06 29.71 5.00
C ASP C 40 15.28 29.86 6.29
N ALA C 41 14.14 29.19 6.41
CA ALA C 41 13.42 29.23 7.68
C ALA C 41 14.06 28.35 8.73
N ILE C 42 14.73 27.27 8.33
CA ILE C 42 15.49 26.46 9.28
C ILE C 42 16.74 27.21 9.74
N ASN C 43 17.45 27.86 8.82
CA ASN C 43 18.67 28.60 9.15
C ASN C 43 18.42 29.86 9.97
N SER C 44 17.21 30.41 9.93
CA SER C 44 16.94 31.64 10.67
C SER C 44 16.67 31.41 12.14
N GLY C 45 16.52 30.16 12.57
CA GLY C 45 16.15 29.88 13.93
C GLY C 45 14.66 29.85 14.20
N ILE C 46 13.84 29.88 13.15
CA ILE C 46 12.39 29.88 13.32
C ILE C 46 11.93 28.45 13.59
N ASP C 47 11.25 28.25 14.71
CA ASP C 47 10.77 26.93 15.08
C ASP C 47 9.52 26.63 14.28
N LEU C 48 9.65 25.77 13.28
CA LEU C 48 8.53 25.24 12.53
C LEU C 48 8.26 23.83 13.04
N GLY C 49 7.53 23.78 14.15
CA GLY C 49 7.59 22.64 15.05
C GLY C 49 6.77 21.44 14.66
N ASP C 50 5.71 21.61 13.90
CA ASP C 50 4.94 20.47 13.46
C ASP C 50 5.16 20.14 12.00
N LEU C 51 5.64 21.12 11.25
CA LEU C 51 5.93 20.97 9.83
C LEU C 51 7.39 20.68 9.58
N LEU C 52 8.10 20.19 10.60
CA LEU C 52 9.54 19.96 10.45
C LEU C 52 9.82 18.72 9.65
N GLU C 53 9.11 17.63 9.96
CA GLU C 53 9.24 16.39 9.22
C GLU C 53 8.73 16.55 7.79
N GLY C 54 7.68 17.34 7.61
CA GLY C 54 7.18 17.61 6.27
C GLY C 54 8.09 18.47 5.43
N GLY C 55 8.71 19.49 6.03
CA GLY C 55 9.65 20.33 5.31
C GLY C 55 10.94 19.60 4.96
N LEU C 56 11.45 18.80 5.89
CA LEU C 56 12.65 18.02 5.63
C LEU C 56 12.39 16.89 4.63
N LEU C 57 11.19 16.30 4.64
CA LEU C 57 10.87 15.29 3.64
C LEU C 57 10.63 15.90 2.26
N THR C 58 10.15 17.14 2.22
CA THR C 58 10.05 17.87 0.96
C THR C 58 11.43 18.16 0.37
N LEU C 59 12.40 18.54 1.22
CA LEU C 59 13.80 18.72 0.80
C LEU C 59 14.42 17.43 0.30
N CYS C 60 14.18 16.32 1.00
CA CYS C 60 14.80 15.06 0.64
C CYS C 60 14.18 14.42 -0.60
N VAL C 61 12.88 14.60 -0.80
CA VAL C 61 12.22 14.10 -2.01
C VAL C 61 12.63 14.95 -3.20
N GLU C 62 12.82 16.26 -2.99
CA GLU C 62 13.21 17.11 -4.11
C GLU C 62 14.67 16.91 -4.50
N HIS C 63 15.53 16.58 -3.54
CA HIS C 63 16.91 16.26 -3.89
C HIS C 63 17.03 14.88 -4.53
N TYR C 64 16.58 13.84 -3.84
CA TYR C 64 16.93 12.49 -4.27
C TYR C 64 15.98 11.90 -5.28
N TYR C 65 14.73 12.33 -5.30
CA TYR C 65 13.72 11.72 -6.15
C TYR C 65 13.09 12.73 -7.09
N ASN C 66 13.65 13.93 -7.15
CA ASN C 66 13.34 15.01 -8.12
C ASN C 66 11.92 15.52 -8.00
N SER C 67 11.36 15.42 -6.80
CA SER C 67 9.97 15.79 -6.43
C SER C 67 8.93 15.09 -7.31
N ASP C 68 9.17 13.81 -7.59
CA ASP C 68 8.32 13.09 -8.52
C ASP C 68 7.09 12.49 -7.84
N LYS C 69 7.27 11.96 -6.62
CA LYS C 69 6.29 11.40 -5.68
C LYS C 69 5.61 10.12 -6.12
N ASP C 70 5.91 9.59 -7.29
CA ASP C 70 5.56 8.22 -7.61
C ASP C 70 6.79 7.35 -7.70
N LYS C 71 7.94 7.97 -7.98
CA LYS C 71 9.19 7.28 -7.78
C LYS C 71 9.48 7.13 -6.30
N PHE C 72 9.09 8.13 -5.50
CA PHE C 72 9.30 8.09 -4.06
C PHE C 72 8.37 7.11 -3.38
N ASN C 73 7.11 7.06 -3.81
CA ASN C 73 6.09 6.24 -3.17
C ASN C 73 6.31 4.75 -3.31
N THR C 74 7.05 4.30 -4.31
CA THR C 74 7.35 2.88 -4.46
C THR C 74 8.79 2.53 -4.13
N SER C 75 9.54 3.45 -3.52
CA SER C 75 10.92 3.25 -3.12
C SER C 75 10.97 2.45 -1.82
N PRO C 76 12.12 1.87 -1.45
CA PRO C 76 12.20 1.22 -0.13
C PRO C 76 12.32 2.17 1.05
N ILE C 77 12.61 3.45 0.82
CA ILE C 77 12.48 4.47 1.86
C ILE C 77 11.04 4.58 2.31
N ALA C 78 10.11 4.61 1.37
CA ALA C 78 8.71 4.81 1.73
C ALA C 78 8.07 3.56 2.29
N LYS C 79 8.52 2.38 1.85
CA LYS C 79 8.11 1.13 2.50
C LYS C 79 8.59 1.05 3.93
N TYR C 80 9.86 1.45 4.18
CA TYR C 80 10.38 1.48 5.55
C TYR C 80 9.66 2.48 6.42
N LEU C 81 9.41 3.68 5.92
CA LEU C 81 8.70 4.67 6.73
C LEU C 81 7.22 4.38 6.86
N ARG C 82 6.63 3.56 5.98
CA ARG C 82 5.28 3.11 6.22
C ARG C 82 5.22 2.04 7.30
N ASP C 83 6.18 1.11 7.31
CA ASP C 83 6.23 0.10 8.36
C ASP C 83 6.60 0.68 9.72
N ALA C 84 7.29 1.81 9.75
CA ALA C 84 7.62 2.53 10.97
C ALA C 84 6.53 3.49 11.38
N GLY C 85 5.41 3.53 10.67
CA GLY C 85 4.22 4.21 11.14
C GLY C 85 3.84 5.48 10.43
N TYR C 86 4.68 6.04 9.57
CA TYR C 86 4.36 7.31 8.94
C TYR C 86 3.34 7.16 7.82
N GLU C 87 2.49 8.17 7.68
CA GLU C 87 1.49 8.24 6.62
C GLU C 87 1.71 9.52 5.85
N PHE C 88 1.92 9.42 4.55
CA PHE C 88 2.17 10.57 3.71
C PHE C 88 0.85 11.01 3.10
N ASP C 89 0.47 12.26 3.33
CA ASP C 89 -0.56 12.87 2.53
C ASP C 89 0.04 14.05 1.78
N VAL C 90 -0.21 14.10 0.49
CA VAL C 90 0.39 15.09 -0.37
C VAL C 90 -0.63 16.18 -0.61
N ILE C 91 -0.44 17.33 -0.02
CA ILE C 91 -1.30 18.47 -0.31
C ILE C 91 -0.76 19.14 -1.55
N LYS C 92 -1.65 19.70 -2.35
CA LYS C 92 -1.30 20.24 -3.66
C LYS C 92 -1.73 21.69 -3.74
N ASN C 93 -0.93 22.48 -4.46
CA ASN C 93 -1.19 23.90 -4.66
C ASN C 93 -0.49 24.28 -5.94
N ALA C 94 -1.24 24.43 -7.04
CA ALA C 94 -0.63 24.54 -8.36
C ALA C 94 0.01 25.91 -8.58
N ASP C 95 -0.60 26.98 -8.05
CA ASP C 95 0.02 28.29 -8.09
C ASP C 95 0.28 28.69 -6.64
N ALA C 96 1.41 28.25 -6.13
CA ALA C 96 1.92 28.66 -4.82
C ALA C 96 3.31 29.21 -5.05
N THR C 97 3.55 30.45 -4.62
CA THR C 97 4.83 31.08 -4.87
C THR C 97 5.76 30.94 -3.67
N ARG C 98 5.26 31.28 -2.49
CA ARG C 98 6.05 31.32 -1.27
C ARG C 98 5.64 30.19 -0.35
N PHE C 99 6.49 29.94 0.65
CA PHE C 99 6.20 28.96 1.70
C PHE C 99 5.10 29.45 2.64
N LEU C 100 4.87 30.76 2.70
CA LEU C 100 3.77 31.36 3.46
C LEU C 100 2.40 30.92 2.95
N ASP C 101 2.26 30.70 1.65
CA ASP C 101 0.97 30.35 1.06
C ASP C 101 0.56 28.90 1.28
N VAL C 102 1.47 28.06 1.76
CA VAL C 102 1.31 26.61 1.67
C VAL C 102 0.93 26.03 3.05
N ILE C 103 1.13 26.79 4.13
CA ILE C 103 0.85 26.40 5.52
C ILE C 103 -0.66 26.24 5.72
N PRO C 104 -1.13 25.19 6.42
CA PRO C 104 -2.57 25.03 6.63
C PRO C 104 -3.20 26.04 7.58
N ASN C 105 -4.53 25.96 7.75
CA ASN C 105 -5.29 26.94 8.51
C ASN C 105 -5.55 26.50 9.95
N GLU C 106 -4.62 25.76 10.55
CA GLU C 106 -4.73 25.46 11.97
C GLU C 106 -4.32 26.70 12.76
N PRO C 107 -4.92 26.92 13.94
CA PRO C 107 -4.64 28.16 14.68
C PRO C 107 -3.28 28.21 15.36
N HIS C 108 -2.61 27.08 15.57
CA HIS C 108 -1.28 27.11 16.15
C HIS C 108 -0.19 27.43 15.14
N TYR C 109 -0.53 27.52 13.85
CA TYR C 109 0.39 27.93 12.80
C TYR C 109 0.46 29.44 12.63
N SER C 110 -0.29 30.18 13.44
CA SER C 110 -0.19 31.65 13.43
C SER C 110 1.17 32.25 13.83
N PRO C 111 1.92 31.79 14.87
CA PRO C 111 3.29 32.35 15.03
C PRO C 111 4.26 31.97 13.92
N LEU C 112 4.06 30.82 13.28
CA LEU C 112 4.87 30.45 12.13
C LEU C 112 4.61 31.35 10.93
N ILE C 113 3.35 31.70 10.67
CA ILE C 113 3.10 32.52 9.49
C ILE C 113 3.41 34.00 9.76
N LEU C 114 3.33 34.46 11.03
CA LEU C 114 3.82 35.82 11.27
C LEU C 114 5.34 35.88 11.33
N ALA C 115 6.02 34.77 11.64
CA ALA C 115 7.47 34.74 11.49
C ALA C 115 7.88 34.65 10.03
N LEU C 116 7.11 33.93 9.21
CA LEU C 116 7.44 33.78 7.80
C LEU C 116 7.01 34.97 6.96
N LYS C 117 6.20 35.88 7.50
CA LYS C 117 5.89 37.10 6.77
C LYS C 117 7.08 38.05 6.71
N THR C 118 7.83 38.14 7.80
CA THR C 118 8.97 39.06 7.87
C THR C 118 10.29 38.42 7.48
N LEU C 119 10.30 37.13 7.13
CA LEU C 119 11.55 36.46 6.78
C LEU C 119 11.94 36.79 5.35
N GLU C 120 13.18 37.25 5.17
CA GLU C 120 13.72 37.53 3.85
C GLU C 120 14.46 36.31 3.33
N SER C 121 14.05 35.80 2.18
CA SER C 121 14.72 34.68 1.54
C SER C 121 15.57 35.20 0.39
N THR C 122 16.77 34.64 0.27
CA THR C 122 17.66 34.96 -0.84
C THR C 122 17.37 33.98 -1.98
N GLU C 123 17.33 34.52 -3.21
CA GLU C 123 17.23 33.69 -4.40
C GLU C 123 18.48 32.83 -4.55
N SER C 124 18.28 31.54 -4.78
CA SER C 124 19.39 30.60 -4.81
C SER C 124 19.06 29.46 -5.76
N GLN C 125 20.04 28.61 -6.01
CA GLN C 125 20.01 27.66 -7.11
C GLN C 125 19.55 26.28 -6.65
N ARG C 126 19.70 25.29 -7.54
CA ARG C 126 19.40 23.90 -7.24
C ARG C 126 20.41 23.31 -6.27
N GLY C 127 21.64 23.81 -6.26
CA GLY C 127 22.72 23.30 -5.47
C GLY C 127 22.80 23.78 -4.05
N ARG C 128 21.74 24.36 -3.50
CA ARG C 128 21.73 24.68 -2.10
C ARG C 128 21.11 23.58 -1.25
N ILE C 129 20.21 22.79 -1.84
CA ILE C 129 19.53 21.72 -1.12
C ILE C 129 20.49 20.57 -0.84
N GLY C 130 21.34 20.23 -1.81
CA GLY C 130 22.37 19.23 -1.58
C GLY C 130 23.46 19.70 -0.66
N LEU C 131 23.75 21.01 -0.67
CA LEU C 131 24.67 21.62 0.29
C LEU C 131 24.14 21.55 1.71
N PHE C 132 22.83 21.79 1.89
CA PHE C 132 22.22 21.72 3.21
C PHE C 132 22.17 20.30 3.74
N LEU C 133 21.86 19.33 2.88
CA LEU C 133 21.81 17.94 3.34
C LEU C 133 23.21 17.39 3.58
N SER C 134 24.21 17.88 2.85
CA SER C 134 25.58 17.49 3.11
C SER C 134 26.11 18.10 4.40
N PHE C 135 25.66 19.32 4.74
CA PHE C 135 26.02 19.90 6.04
C PHE C 135 25.32 19.20 7.19
N CYS C 136 24.08 18.75 6.99
CA CYS C 136 23.40 17.99 8.01
C CYS C 136 23.97 16.59 8.17
N SER C 137 24.62 16.05 7.16
CA SER C 137 25.22 14.74 7.30
C SER C 137 26.50 14.74 8.11
N LEU C 138 27.16 15.89 8.28
CA LEU C 138 28.44 15.94 9.00
C LEU C 138 28.28 15.74 10.49
N PHE C 139 27.10 15.98 11.03
CA PHE C 139 26.81 15.77 12.43
C PHE C 139 26.46 14.33 12.75
N LEU C 140 26.39 13.46 11.77
CA LEU C 140 25.93 12.10 12.02
C LEU C 140 26.96 11.19 12.69
N PRO C 141 28.28 11.18 12.38
CA PRO C 141 29.19 10.57 13.33
C PRO C 141 29.32 11.48 14.55
N LYS C 142 29.36 10.84 15.72
CA LYS C 142 29.22 11.45 17.05
C LYS C 142 27.93 12.26 17.20
N LEU C 143 26.82 11.79 16.61
CA LEU C 143 25.53 12.37 16.94
C LEU C 143 25.07 11.91 18.32
N VAL C 144 25.25 10.62 18.61
CA VAL C 144 24.74 10.01 19.82
C VAL C 144 25.60 10.28 21.04
N VAL C 145 26.74 10.95 20.88
CA VAL C 145 27.52 11.36 22.02
C VAL C 145 26.92 12.61 22.65
N GLY C 146 26.85 13.69 21.90
CA GLY C 146 26.34 14.92 22.45
C GLY C 146 26.61 16.04 21.49
N ASP C 147 26.33 17.26 21.94
CA ASP C 147 26.39 18.38 21.02
C ASP C 147 27.80 18.90 20.78
N ARG C 148 28.67 18.84 21.79
CA ARG C 148 30.05 19.32 21.66
C ARG C 148 30.86 18.44 20.74
N ALA C 149 30.70 17.12 20.88
CA ALA C 149 31.43 16.16 20.07
C ALA C 149 30.98 16.19 18.62
N SER C 150 29.67 16.38 18.39
CA SER C 150 29.13 16.53 17.04
C SER C 150 29.61 17.79 16.36
N ILE C 151 29.66 18.90 17.08
CA ILE C 151 30.10 20.16 16.49
C ILE C 151 31.61 20.15 16.23
N GLU C 152 32.39 19.49 17.10
CA GLU C 152 33.83 19.37 16.88
C GLU C 152 34.18 18.47 15.70
N LYS C 153 33.52 17.31 15.60
CA LYS C 153 33.71 16.43 14.44
C LYS C 153 33.19 17.05 13.16
N ALA C 154 32.12 17.86 13.25
CA ALA C 154 31.59 18.56 12.09
C ALA C 154 32.54 19.63 11.58
N LEU C 155 33.17 20.40 12.48
CA LEU C 155 34.11 21.43 12.05
C LEU C 155 35.42 20.85 11.53
N ARG C 156 35.84 19.71 12.08
CA ARG C 156 36.98 18.97 11.55
C ARG C 156 36.70 18.43 10.14
N GLN C 157 35.46 18.00 9.88
CA GLN C 157 35.12 17.56 8.54
C GLN C 157 34.87 18.72 7.57
N VAL C 158 34.45 19.89 8.06
CA VAL C 158 34.43 21.11 7.24
C VAL C 158 35.83 21.47 6.76
N THR C 159 36.83 21.39 7.65
CA THR C 159 38.20 21.70 7.26
C THR C 159 38.81 20.64 6.34
N VAL C 160 38.42 19.38 6.51
CA VAL C 160 38.89 18.31 5.63
C VAL C 160 38.27 18.44 4.24
N HIS C 161 36.96 18.72 4.16
CA HIS C 161 36.29 18.81 2.87
C HIS C 161 36.58 20.11 2.14
N GLN C 162 36.91 21.19 2.84
CA GLN C 162 37.39 22.39 2.16
C GLN C 162 38.87 22.32 1.83
N GLU C 163 39.63 21.42 2.47
CA GLU C 163 41.02 21.23 2.09
C GLU C 163 41.15 20.47 0.78
N GLN C 164 40.14 19.69 0.43
CA GLN C 164 40.01 19.16 -0.92
C GLN C 164 39.42 20.19 -1.87
N GLY C 165 38.83 21.25 -1.34
CA GLY C 165 38.30 22.32 -2.16
C GLY C 165 36.96 22.06 -2.81
N ILE C 166 36.34 20.91 -2.55
CA ILE C 166 35.18 20.50 -3.32
C ILE C 166 33.92 21.23 -2.89
N VAL C 167 33.85 21.71 -1.66
CA VAL C 167 32.71 22.48 -1.20
C VAL C 167 33.18 23.73 -0.51
N THR C 168 32.28 24.68 -0.42
CA THR C 168 32.45 25.79 0.51
C THR C 168 31.12 26.05 1.19
N TYR C 169 31.18 26.20 2.47
CA TYR C 169 30.02 26.58 3.24
C TYR C 169 30.11 28.04 3.60
N PRO C 170 29.00 28.76 3.68
CA PRO C 170 29.05 30.16 4.13
C PRO C 170 29.40 30.25 5.60
N ASN C 171 29.97 31.39 5.98
CA ASN C 171 30.61 31.51 7.28
C ASN C 171 29.62 31.63 8.43
N HIS C 172 28.37 32.00 8.16
CA HIS C 172 27.38 31.99 9.22
C HIS C 172 26.78 30.62 9.45
N TRP C 173 27.11 29.64 8.61
CA TRP C 173 26.73 28.26 8.89
C TRP C 173 27.65 27.65 9.93
N LEU C 174 28.88 28.16 10.02
CA LEU C 174 29.91 27.60 10.89
C LEU C 174 29.99 28.32 12.23
N THR C 175 29.10 29.26 12.51
CA THR C 175 28.93 29.79 13.85
C THR C 175 28.32 28.71 14.73
N THR C 176 28.77 28.61 15.98
CA THR C 176 28.36 27.50 16.84
C THR C 176 26.92 27.62 17.34
N GLY C 177 26.32 28.80 17.30
CA GLY C 177 24.88 28.89 17.54
C GLY C 177 24.08 28.28 16.40
N HIS C 178 24.54 28.50 15.17
CA HIS C 178 23.89 27.93 14.00
C HIS C 178 24.11 26.42 13.93
N MET C 179 25.30 25.95 14.30
CA MET C 179 25.57 24.53 14.33
C MET C 179 24.82 23.84 15.47
N LYS C 180 24.54 24.58 16.54
CA LYS C 180 23.72 24.07 17.62
C LYS C 180 22.27 23.88 17.15
N VAL C 181 21.80 24.82 16.32
CA VAL C 181 20.45 24.76 15.73
C VAL C 181 20.32 23.56 14.79
N ILE C 182 21.32 23.36 13.92
CA ILE C 182 21.31 22.26 12.96
C ILE C 182 21.49 20.89 13.65
N PHE C 183 22.20 20.87 14.80
CA PHE C 183 22.24 19.68 15.64
C PHE C 183 20.87 19.32 16.20
N GLY C 184 20.13 20.32 16.69
CA GLY C 184 18.81 20.04 17.23
C GLY C 184 17.80 19.65 16.17
N ILE C 185 17.97 20.18 14.96
CA ILE C 185 17.16 19.81 13.80
C ILE C 185 17.37 18.35 13.42
N LEU C 186 18.64 17.93 13.36
CA LEU C 186 18.92 16.54 12.99
C LEU C 186 18.61 15.57 14.12
N ARG C 187 18.74 16.01 15.37
CA ARG C 187 18.47 15.13 16.51
C ARG C 187 16.99 14.90 16.69
N SER C 188 16.16 15.92 16.46
CA SER C 188 14.74 15.78 16.73
C SER C 188 13.95 15.14 15.61
N SER C 189 14.57 14.83 14.46
CA SER C 189 13.84 14.39 13.28
C SER C 189 14.36 13.03 12.82
N PHE C 190 13.49 12.02 12.84
CA PHE C 190 13.87 10.66 12.49
C PHE C 190 14.09 10.48 11.00
N ILE C 191 13.25 11.10 10.17
CA ILE C 191 13.25 10.73 8.76
C ILE C 191 14.39 11.36 7.98
N LEU C 192 14.92 12.50 8.44
CA LEU C 192 16.11 13.07 7.82
C LEU C 192 17.33 12.20 8.06
N LYS C 193 17.45 11.65 9.28
CA LYS C 193 18.53 10.75 9.63
C LYS C 193 18.47 9.46 8.84
N PHE C 194 17.27 8.88 8.68
CA PHE C 194 17.13 7.62 7.95
C PHE C 194 17.36 7.80 6.46
N VAL C 195 16.90 8.93 5.90
CA VAL C 195 17.10 9.21 4.49
C VAL C 195 18.58 9.43 4.19
N LEU C 196 19.31 10.08 5.10
CA LEU C 196 20.75 10.24 4.93
C LEU C 196 21.51 8.92 5.12
N ILE C 197 21.06 8.04 6.03
CA ILE C 197 21.71 6.73 6.22
C ILE C 197 21.48 5.82 5.01
N TYR C 198 20.24 5.82 4.48
CA TYR C 198 19.88 5.02 3.30
C TYR C 198 20.62 5.50 2.07
N GLN C 199 20.59 6.81 1.80
CA GLN C 199 21.27 7.30 0.62
C GLN C 199 22.78 7.38 0.78
N GLY C 200 23.31 7.30 2.00
CA GLY C 200 24.72 7.10 2.14
C GLY C 200 25.14 5.68 1.86
N VAL C 201 24.30 4.71 2.20
CA VAL C 201 24.63 3.34 1.86
C VAL C 201 24.43 3.07 0.37
N ASN C 202 23.34 3.56 -0.21
CA ASN C 202 22.83 2.99 -1.46
C ASN C 202 23.05 3.84 -2.69
N LEU C 203 23.09 5.16 -2.57
CA LEU C 203 23.47 6.01 -3.69
C LEU C 203 24.98 5.99 -3.80
N VAL C 204 25.50 5.16 -4.71
CA VAL C 204 26.95 4.93 -4.79
C VAL C 204 27.53 5.21 -6.16
N THR C 205 26.74 5.45 -7.18
CA THR C 205 27.26 5.45 -8.54
C THR C 205 26.97 6.78 -9.21
N GLY C 206 28.01 7.36 -9.81
CA GLY C 206 27.90 8.64 -10.47
C GLY C 206 27.81 9.74 -9.44
N HIS C 207 28.90 9.96 -8.71
CA HIS C 207 28.86 10.82 -7.55
C HIS C 207 29.04 12.30 -7.87
N ASP C 208 28.23 13.11 -7.21
CA ASP C 208 28.39 14.53 -6.98
C ASP C 208 29.39 14.75 -5.84
N ALA C 209 29.72 16.00 -5.55
CA ALA C 209 30.53 16.28 -4.36
C ALA C 209 29.72 16.06 -3.10
N TYR C 210 28.46 16.49 -3.12
CA TYR C 210 27.57 16.42 -1.97
C TYR C 210 27.22 14.98 -1.62
N ASP C 211 27.02 14.14 -2.62
CA ASP C 211 26.65 12.76 -2.35
C ASP C 211 27.84 11.94 -1.85
N SER C 212 29.05 12.32 -2.25
CA SER C 212 30.24 11.69 -1.70
C SER C 212 30.50 12.14 -0.28
N ILE C 213 30.15 13.39 0.06
CA ILE C 213 30.25 13.87 1.44
C ILE C 213 29.28 13.13 2.36
N ILE C 214 28.04 12.93 1.88
CA ILE C 214 27.03 12.21 2.66
C ILE C 214 27.38 10.74 2.81
N SER C 215 27.96 10.12 1.78
CA SER C 215 28.36 8.73 1.90
C SER C 215 29.60 8.54 2.76
N ASN C 216 30.49 9.54 2.77
CA ASN C 216 31.66 9.49 3.63
C ASN C 216 31.29 9.62 5.09
N SER C 217 30.37 10.54 5.40
CA SER C 217 29.98 10.71 6.79
C SER C 217 29.04 9.63 7.28
N VAL C 218 28.30 8.97 6.39
CA VAL C 218 27.49 7.83 6.80
C VAL C 218 28.38 6.59 7.01
N GLY C 219 29.49 6.49 6.29
CA GLY C 219 30.42 5.39 6.54
C GLY C 219 31.24 5.51 7.81
N GLN C 220 31.23 6.67 8.46
CA GLN C 220 31.84 6.84 9.77
C GLN C 220 30.86 6.70 10.92
N THR C 221 29.57 6.61 10.62
CA THR C 221 28.47 6.52 11.57
C THR C 221 28.22 5.07 11.98
N ARG C 222 28.90 4.13 11.34
CA ARG C 222 28.70 2.72 11.61
C ARG C 222 29.27 2.34 12.95
N PHE C 223 28.37 1.84 13.82
CA PHE C 223 28.56 1.55 15.24
C PHE C 223 28.98 2.81 16.01
N SER C 224 28.13 3.83 15.90
CA SER C 224 28.42 5.13 16.52
C SER C 224 28.18 5.12 18.03
N GLY C 225 27.31 4.26 18.52
CA GLY C 225 27.11 4.17 19.94
C GLY C 225 27.14 2.71 20.32
N LEU C 226 27.87 1.94 19.54
CA LEU C 226 27.96 0.51 19.71
C LEU C 226 29.42 0.10 19.73
N LEU C 227 30.22 0.76 20.57
CA LEU C 227 31.63 0.43 20.71
C LEU C 227 31.85 -0.94 21.33
N ILE C 228 30.94 -1.36 22.21
CA ILE C 228 31.06 -2.64 22.91
C ILE C 228 30.90 -3.81 21.96
N VAL C 229 30.11 -3.63 20.88
CA VAL C 229 29.98 -4.61 19.82
C VAL C 229 31.27 -4.78 19.05
N LYS C 230 31.94 -3.68 18.68
CA LYS C 230 33.19 -3.77 17.92
C LYS C 230 34.32 -4.34 18.75
N THR C 231 34.41 -3.96 20.02
CA THR C 231 35.48 -4.45 20.88
C THR C 231 35.31 -5.93 21.23
N VAL C 232 34.08 -6.37 21.54
CA VAL C 232 33.85 -7.77 21.90
C VAL C 232 33.99 -8.68 20.67
N LEU C 233 33.42 -8.28 19.52
CA LEU C 233 33.51 -9.11 18.33
C LEU C 233 34.90 -9.10 17.72
N GLU C 234 35.68 -8.04 17.92
CA GLU C 234 37.01 -8.06 17.36
C GLU C 234 38.03 -8.72 18.26
N PHE C 235 37.85 -8.68 19.59
CA PHE C 235 38.93 -9.13 20.46
C PHE C 235 38.53 -10.21 21.46
N ILE C 236 37.32 -10.21 21.97
CA ILE C 236 36.94 -11.19 22.97
C ILE C 236 36.52 -12.49 22.30
N LEU C 237 35.46 -12.44 21.50
CA LEU C 237 35.00 -13.58 20.73
C LEU C 237 35.92 -13.69 19.53
N GLN C 238 36.96 -14.49 19.63
CA GLN C 238 37.99 -14.50 18.61
C GLN C 238 37.56 -15.35 17.42
N LYS C 239 37.69 -14.78 16.23
CA LYS C 239 37.38 -15.47 14.98
C LYS C 239 38.62 -16.17 14.48
N THR C 240 38.49 -17.47 14.23
CA THR C 240 39.54 -18.25 13.60
C THR C 240 38.87 -19.30 12.74
N ASP C 241 39.68 -20.16 12.12
CA ASP C 241 39.15 -21.16 11.21
C ASP C 241 38.52 -22.34 11.94
N SER C 242 38.87 -22.56 13.21
CA SER C 242 38.21 -23.62 13.98
C SER C 242 36.82 -23.20 14.44
N GLY C 243 36.67 -21.94 14.83
CA GLY C 243 35.37 -21.46 15.27
C GLY C 243 35.51 -20.15 16.02
N VAL C 244 34.64 -19.97 17.01
CA VAL C 244 34.73 -18.86 17.94
C VAL C 244 35.36 -19.35 19.24
N THR C 245 36.38 -18.64 19.71
CA THR C 245 37.09 -19.01 20.92
C THR C 245 37.15 -17.80 21.84
N LEU C 246 36.96 -18.03 23.14
CA LEU C 246 37.02 -16.92 24.07
C LEU C 246 38.47 -16.51 24.35
N HIS C 247 38.62 -15.31 24.85
CA HIS C 247 39.90 -14.78 25.29
C HIS C 247 40.28 -15.47 26.60
N PRO C 248 41.57 -15.60 26.91
CA PRO C 248 41.98 -16.19 28.21
C PRO C 248 41.59 -15.36 29.43
N LEU C 249 41.33 -14.08 29.28
CA LEU C 249 40.87 -13.30 30.41
C LEU C 249 39.39 -13.50 30.71
N VAL C 250 38.63 -14.13 29.83
CA VAL C 250 37.19 -14.30 30.03
C VAL C 250 36.75 -15.76 30.05
N ARG C 251 37.68 -16.71 30.18
CA ARG C 251 37.29 -18.11 30.20
C ARG C 251 36.96 -18.65 31.59
N THR C 252 36.94 -17.83 32.62
CA THR C 252 36.58 -18.34 33.93
C THR C 252 35.06 -18.43 34.08
N SER C 253 34.61 -18.82 35.26
CA SER C 253 33.19 -19.14 35.44
C SER C 253 32.36 -17.96 35.90
N LYS C 254 32.89 -16.74 35.94
CA LYS C 254 32.09 -15.61 36.39
C LYS C 254 31.81 -14.60 35.30
N VAL C 255 32.46 -14.69 34.15
CA VAL C 255 32.25 -13.77 33.05
C VAL C 255 31.57 -14.48 31.88
N LYS C 256 31.56 -15.82 31.89
CA LYS C 256 30.92 -16.64 30.86
C LYS C 256 29.39 -16.49 30.83
N ASN C 257 28.77 -16.15 31.96
CA ASN C 257 27.36 -15.80 31.95
C ASN C 257 27.11 -14.48 31.25
N GLU C 258 28.01 -13.51 31.41
CA GLU C 258 27.89 -12.23 30.72
C GLU C 258 28.18 -12.37 29.23
N VAL C 259 29.06 -13.28 28.82
CA VAL C 259 29.28 -13.43 27.38
C VAL C 259 28.15 -14.25 26.77
N ALA C 260 27.44 -15.07 27.56
CA ALA C 260 26.27 -15.77 27.01
C ALA C 260 25.10 -14.82 26.80
N SER C 261 24.85 -13.94 27.77
CA SER C 261 23.81 -12.93 27.61
C SER C 261 24.18 -11.88 26.56
N PHE C 262 25.48 -11.61 26.37
CA PHE C 262 25.90 -10.72 25.29
C PHE C 262 25.73 -11.36 23.93
N LYS C 263 25.96 -12.67 23.81
CA LYS C 263 25.71 -13.38 22.55
C LYS C 263 24.23 -13.39 22.19
N GLN C 264 23.36 -13.55 23.19
CA GLN C 264 21.92 -13.53 22.94
C GLN C 264 21.42 -12.15 22.53
N ALA C 265 21.79 -11.11 23.29
CA ALA C 265 21.37 -9.75 22.94
C ALA C 265 22.07 -9.20 21.72
N LEU C 266 23.19 -9.81 21.35
CA LEU C 266 23.88 -9.51 20.12
C LEU C 266 23.17 -10.09 18.92
N SER C 267 22.70 -11.35 19.03
CA SER C 267 21.99 -11.96 17.91
C SER C 267 20.60 -11.38 17.71
N ASN C 268 20.03 -10.76 18.74
CA ASN C 268 18.81 -9.98 18.50
C ASN C 268 19.07 -8.63 17.84
N LEU C 269 20.32 -8.17 17.75
CA LEU C 269 20.62 -6.92 17.04
C LEU C 269 20.68 -7.12 15.54
N ALA C 270 21.13 -8.28 15.07
CA ALA C 270 21.21 -8.59 13.65
C ALA C 270 19.88 -8.95 13.03
N ARG C 271 18.82 -9.00 13.84
CA ARG C 271 17.44 -9.04 13.38
C ARG C 271 17.04 -7.75 12.65
N HIS C 272 17.70 -6.63 12.93
CA HIS C 272 17.48 -5.39 12.20
C HIS C 272 18.10 -5.36 10.82
N GLY C 273 18.94 -6.31 10.46
CA GLY C 273 19.44 -6.38 9.11
C GLY C 273 20.53 -5.38 8.81
N GLU C 274 20.38 -4.64 7.72
CA GLU C 274 21.44 -3.77 7.23
C GLU C 274 21.51 -2.43 7.94
N TYR C 275 20.61 -2.16 8.87
CA TYR C 275 20.67 -0.97 9.70
C TYR C 275 21.07 -1.29 11.12
N ALA C 276 21.51 -2.51 11.38
CA ALA C 276 22.09 -2.91 12.65
C ALA C 276 23.42 -2.24 13.01
N PRO C 277 24.27 -1.75 12.07
CA PRO C 277 25.25 -0.74 12.49
C PRO C 277 24.67 0.56 12.98
N PHE C 278 23.49 0.95 12.53
CA PHE C 278 22.97 2.29 12.74
C PHE C 278 21.91 2.30 13.82
N ALA C 279 22.05 1.41 14.81
CA ALA C 279 20.98 1.09 15.73
C ALA C 279 20.80 2.14 16.83
N ARG C 280 21.88 2.76 17.30
CA ARG C 280 21.69 3.79 18.32
C ARG C 280 21.37 5.14 17.70
N VAL C 281 21.83 5.40 16.48
CA VAL C 281 21.55 6.69 15.85
C VAL C 281 20.10 6.74 15.35
N LEU C 282 19.55 5.63 14.92
CA LEU C 282 18.16 5.59 14.51
C LEU C 282 17.21 5.24 15.65
N ASN C 283 17.75 4.94 16.84
CA ASN C 283 17.05 4.49 18.05
C ASN C 283 16.19 3.27 17.80
N LEU C 284 16.84 2.19 17.38
CA LEU C 284 16.14 0.96 17.06
C LEU C 284 15.87 0.15 18.34
N SER C 285 15.50 -1.12 18.18
CA SER C 285 14.75 -1.83 19.22
C SER C 285 15.64 -2.37 20.35
N GLY C 286 16.64 -3.16 20.01
CA GLY C 286 17.34 -3.90 21.05
C GLY C 286 18.53 -3.22 21.68
N ILE C 287 18.63 -1.90 21.57
CA ILE C 287 19.82 -1.20 22.05
C ILE C 287 19.81 -0.90 23.54
N ASN C 288 18.72 -1.17 24.23
CA ASN C 288 18.74 -1.07 25.67
C ASN C 288 19.42 -2.27 26.32
N ASN C 289 19.52 -3.39 25.62
CA ASN C 289 20.20 -4.58 26.08
C ASN C 289 21.62 -4.67 25.60
N LEU C 290 22.21 -3.54 25.24
CA LEU C 290 23.61 -3.46 24.87
C LEU C 290 24.28 -2.34 25.65
N GLU C 291 23.74 -2.01 26.82
CA GLU C 291 24.32 -0.98 27.64
C GLU C 291 25.54 -1.51 28.39
N HIS C 292 26.39 -0.58 28.83
CA HIS C 292 27.60 -0.95 29.53
C HIS C 292 27.31 -1.42 30.94
N GLY C 293 26.25 -0.90 31.55
CA GLY C 293 25.91 -1.28 32.91
C GLY C 293 25.31 -2.65 33.03
N LEU C 294 24.85 -3.23 31.94
CA LEU C 294 24.36 -4.59 31.98
C LEU C 294 25.49 -5.59 31.94
N TYR C 295 26.65 -5.17 31.47
CA TYR C 295 27.81 -6.04 31.28
C TYR C 295 29.03 -5.26 31.74
N PRO C 296 29.25 -5.10 33.06
CA PRO C 296 30.33 -4.19 33.48
C PRO C 296 31.73 -4.74 33.30
N GLN C 297 31.92 -6.01 33.65
CA GLN C 297 33.23 -6.62 33.55
C GLN C 297 33.60 -6.94 32.11
N LEU C 298 32.63 -7.33 31.29
CA LEU C 298 32.89 -7.63 29.88
C LEU C 298 33.22 -6.38 29.09
N SER C 299 32.58 -5.26 29.40
CA SER C 299 32.89 -4.01 28.73
C SER C 299 34.26 -3.48 29.13
N ALA C 300 34.62 -3.60 30.42
CA ALA C 300 35.93 -3.12 30.86
C ALA C 300 37.07 -3.99 30.35
N ILE C 301 36.91 -5.32 30.33
CA ILE C 301 37.95 -6.22 29.83
C ILE C 301 38.10 -6.10 28.31
N ALA C 302 36.98 -5.95 27.59
CA ALA C 302 37.02 -5.77 26.14
C ALA C 302 37.64 -4.44 25.72
N LEU C 303 37.36 -3.37 26.47
CA LEU C 303 38.00 -2.09 26.19
C LEU C 303 39.48 -2.09 26.54
N GLY C 304 39.89 -2.84 27.57
CA GLY C 304 41.30 -2.99 27.87
C GLY C 304 42.08 -3.74 26.80
N VAL C 305 41.53 -4.85 26.31
CA VAL C 305 42.19 -5.64 25.26
C VAL C 305 42.23 -4.87 23.93
N ALA C 306 41.16 -4.14 23.62
CA ALA C 306 41.14 -3.30 22.44
C ALA C 306 42.06 -2.09 22.54
N THR C 307 42.30 -1.57 23.75
CA THR C 307 43.30 -0.53 23.91
C THR C 307 44.70 -1.09 23.75
N ALA C 308 44.91 -2.34 24.16
CA ALA C 308 46.21 -2.97 24.01
C ALA C 308 46.54 -3.32 22.58
N HIS C 309 45.55 -3.41 21.70
CA HIS C 309 45.88 -3.60 20.30
C HIS C 309 45.92 -2.29 19.51
N GLY C 310 44.82 -1.54 19.47
CA GLY C 310 44.80 -0.25 18.82
C GLY C 310 45.06 0.86 19.80
N SER C 311 46.08 1.66 19.52
CA SER C 311 46.61 2.62 20.49
C SER C 311 45.75 3.85 20.67
N THR C 312 44.78 4.08 19.81
CA THR C 312 44.01 5.31 19.85
C THR C 312 42.75 5.17 20.68
N LEU C 313 42.48 3.98 21.21
CA LEU C 313 41.34 3.71 22.06
C LEU C 313 41.59 4.03 23.52
N ALA C 314 42.72 4.64 23.84
CA ALA C 314 42.98 5.10 25.19
C ALA C 314 42.35 6.46 25.46
N GLY C 315 41.76 7.09 24.48
CA GLY C 315 41.07 8.34 24.67
C GLY C 315 39.57 8.23 24.82
N VAL C 316 39.02 7.02 24.89
CA VAL C 316 37.61 6.90 25.21
C VAL C 316 37.43 7.17 26.69
N ASN C 317 36.35 7.83 27.04
CA ASN C 317 36.00 7.91 28.43
C ASN C 317 35.13 6.73 28.76
N VAL C 318 35.05 6.45 30.04
CA VAL C 318 34.28 5.34 30.56
C VAL C 318 33.89 5.80 31.95
N GLY C 319 33.01 5.07 32.61
CA GLY C 319 32.63 5.44 33.96
C GLY C 319 33.72 5.10 34.94
N GLU C 320 33.56 5.61 36.16
CA GLU C 320 34.57 5.49 37.19
C GLU C 320 34.70 4.07 37.71
N GLN C 321 33.63 3.28 37.61
CA GLN C 321 33.62 1.92 38.10
C GLN C 321 34.14 0.93 37.09
N TYR C 322 34.54 1.38 35.90
CA TYR C 322 35.07 0.49 34.89
C TYR C 322 36.51 0.77 34.52
N GLN C 323 37.11 1.84 35.03
CA GLN C 323 38.42 2.28 34.55
C GLN C 323 39.54 1.38 35.03
N GLN C 324 39.41 0.84 36.22
CA GLN C 324 40.54 0.20 36.88
C GLN C 324 40.69 -1.24 36.41
N LEU C 325 39.57 -1.92 36.18
CA LEU C 325 39.58 -3.23 35.53
C LEU C 325 40.00 -3.15 34.08
N ARG C 326 39.69 -2.03 33.41
CA ARG C 326 40.17 -1.75 32.07
C ARG C 326 41.68 -1.62 32.00
N GLU C 327 42.28 -0.94 32.99
CA GLU C 327 43.74 -0.82 33.05
C GLU C 327 44.43 -2.13 33.39
N ALA C 328 43.81 -2.95 34.25
CA ALA C 328 44.36 -4.28 34.55
C ALA C 328 44.29 -5.21 33.35
N ALA C 329 43.22 -5.16 32.56
CA ALA C 329 43.11 -6.00 31.38
C ALA C 329 44.04 -5.54 30.27
N TYR C 330 44.30 -4.23 30.21
CA TYR C 330 45.26 -3.67 29.29
C TYR C 330 46.67 -4.15 29.56
N ASP C 331 47.09 -4.14 30.84
CA ASP C 331 48.44 -4.58 31.20
C ASP C 331 48.62 -6.08 31.02
N ALA C 332 47.59 -6.87 31.32
CA ALA C 332 47.64 -8.31 31.08
C ALA C 332 47.69 -8.65 29.60
N GLU C 333 47.00 -7.88 28.76
CA GLU C 333 47.02 -8.17 27.33
C GLU C 333 48.32 -7.73 26.67
N VAL C 334 48.97 -6.67 27.18
CA VAL C 334 50.31 -6.29 26.71
C VAL C 334 51.33 -7.39 26.97
N LYS C 335 51.29 -7.99 28.18
CA LYS C 335 52.21 -9.11 28.47
C LYS C 335 51.88 -10.37 27.68
N LEU C 336 50.59 -10.64 27.46
CA LEU C 336 50.19 -11.85 26.72
C LEU C 336 50.51 -11.75 25.23
N GLN C 337 50.31 -10.57 24.66
CA GLN C 337 50.61 -10.37 23.25
C GLN C 337 52.10 -10.32 22.98
N ARG C 338 52.90 -9.84 23.96
CA ARG C 338 54.36 -9.89 23.85
C ARG C 338 54.90 -11.33 23.85
N ARG C 339 54.32 -12.19 24.70
CA ARG C 339 54.69 -13.62 24.71
C ARG C 339 54.30 -14.32 23.40
N HIS C 340 53.13 -13.99 22.85
CA HIS C 340 52.71 -14.58 21.59
C HIS C 340 53.56 -14.14 20.40
N GLU C 341 53.93 -12.85 20.34
CA GLU C 341 54.72 -12.42 19.18
C GLU C 341 56.16 -12.89 19.28
N HIS C 342 56.67 -13.11 20.49
CA HIS C 342 57.98 -13.74 20.64
C HIS C 342 57.97 -15.20 20.18
N GLN C 343 56.91 -15.96 20.49
CA GLN C 343 56.83 -17.35 20.04
C GLN C 343 56.60 -17.46 18.53
N GLU C 344 55.88 -16.51 17.93
CA GLU C 344 55.69 -16.55 16.48
C GLU C 344 56.94 -16.12 15.72
N ILE C 345 57.75 -15.23 16.30
CA ILE C 345 59.04 -14.87 15.70
C ILE C 345 59.99 -16.06 15.73
N GLN C 346 59.99 -16.82 16.84
CA GLN C 346 60.73 -18.09 16.90
C GLN C 346 60.20 -19.13 15.91
N ALA C 347 58.90 -19.07 15.59
CA ALA C 347 58.35 -19.98 14.60
C ALA C 347 58.78 -19.63 13.17
N ILE C 348 58.68 -18.34 12.78
CA ILE C 348 58.80 -18.02 11.35
C ILE C 348 60.21 -17.65 10.91
N ALA C 349 61.15 -17.46 11.82
CA ALA C 349 62.50 -17.10 11.43
C ALA C 349 63.30 -18.36 11.14
N GLU C 350 64.00 -18.36 10.00
CA GLU C 350 64.72 -19.53 9.53
C GLU C 350 66.20 -19.52 9.90
N ASP C 351 66.70 -18.43 10.48
CA ASP C 351 68.08 -18.34 10.92
C ASP C 351 68.14 -17.32 12.03
N ASP C 352 69.22 -17.36 12.82
CA ASP C 352 69.34 -16.48 13.98
C ASP C 352 69.61 -15.03 13.61
N GLU C 353 70.18 -14.77 12.43
CA GLU C 353 70.40 -13.39 12.01
C GLU C 353 69.09 -12.72 11.64
N GLU C 354 68.23 -13.45 10.92
CA GLU C 354 66.88 -13.02 10.61
C GLU C 354 66.05 -12.88 11.89
N ARG C 355 66.27 -13.79 12.85
CA ARG C 355 65.57 -13.76 14.12
C ARG C 355 65.97 -12.55 14.96
N LYS C 356 67.22 -12.11 14.86
CA LYS C 356 67.64 -10.90 15.55
C LYS C 356 67.06 -9.64 14.90
N ILE C 357 66.94 -9.66 13.56
CA ILE C 357 66.31 -8.55 12.82
C ILE C 357 64.83 -8.42 13.19
N LEU C 358 64.13 -9.56 13.24
CA LEU C 358 62.70 -9.56 13.54
C LEU C 358 62.42 -9.24 15.02
N GLU C 359 63.30 -9.65 15.92
CA GLU C 359 63.12 -9.33 17.33
C GLU C 359 63.36 -7.86 17.62
N GLN C 360 64.35 -7.25 16.93
CA GLN C 360 64.58 -5.81 17.09
C GLN C 360 63.45 -4.99 16.49
N PHE C 361 62.86 -5.47 15.37
CA PHE C 361 61.75 -4.77 14.75
C PHE C 361 60.50 -4.81 15.61
N HIS C 362 60.16 -5.98 16.14
CA HIS C 362 58.92 -6.08 16.89
C HIS C 362 59.03 -5.48 18.29
N LEU C 363 60.24 -5.45 18.86
CA LEU C 363 60.50 -4.69 20.07
C LEU C 363 60.34 -3.18 19.87
N GLN C 364 60.87 -2.66 18.76
CA GLN C 364 60.75 -1.24 18.45
C GLN C 364 59.33 -0.85 18.11
N LYS C 365 58.57 -1.78 17.53
CA LYS C 365 57.16 -1.59 17.23
C LYS C 365 56.32 -1.43 18.48
N THR C 366 56.56 -2.28 19.49
CA THR C 366 55.83 -2.12 20.76
C THR C 366 56.23 -0.88 21.54
N GLU C 367 57.49 -0.44 21.42
CA GLU C 367 57.89 0.82 22.08
C GLU C 367 57.25 2.05 21.43
N ILE C 368 57.08 2.01 20.09
CA ILE C 368 56.38 3.08 19.36
C ILE C 368 54.90 3.14 19.77
N THR C 369 54.26 1.97 19.88
CA THR C 369 52.85 1.87 20.26
C THR C 369 52.60 2.36 21.68
N HIS C 370 53.52 2.04 22.61
CA HIS C 370 53.42 2.46 23.99
C HIS C 370 53.59 3.98 24.15
N SER C 371 54.50 4.59 23.38
CA SER C 371 54.63 6.06 23.40
C SER C 371 53.41 6.77 22.82
N GLN C 372 52.78 6.18 21.81
CA GLN C 372 51.54 6.75 21.26
C GLN C 372 50.37 6.65 22.24
N THR C 373 50.31 5.56 23.01
CA THR C 373 49.26 5.38 24.02
C THR C 373 49.40 6.38 25.18
N LEU C 374 50.62 6.64 25.65
CA LEU C 374 50.81 7.73 26.62
C LEU C 374 50.53 9.12 26.08
N ALA C 375 50.80 9.36 24.79
CA ALA C 375 50.48 10.66 24.21
C ALA C 375 48.97 10.89 24.10
N VAL C 376 48.20 9.84 23.78
CA VAL C 376 46.76 10.05 23.66
C VAL C 376 46.09 10.08 25.04
N LEU C 377 46.68 9.44 26.06
CA LEU C 377 46.17 9.60 27.43
C LEU C 377 46.41 11.01 27.98
N SER C 378 47.55 11.61 27.66
CA SER C 378 47.76 13.00 28.08
C SER C 378 46.88 13.98 27.31
N GLN C 379 46.57 13.69 26.04
CA GLN C 379 45.60 14.48 25.27
C GLN C 379 44.21 14.43 25.90
N LYS C 380 43.81 13.25 26.41
CA LYS C 380 42.54 13.10 27.14
C LYS C 380 42.55 13.90 28.44
N ARG C 381 43.69 13.95 29.14
CA ARG C 381 43.75 14.64 30.42
C ARG C 381 43.68 16.17 30.30
N GLU C 382 44.43 16.78 29.37
CA GLU C 382 44.15 18.21 29.17
C GLU C 382 42.86 18.51 28.40
N LYS C 383 42.24 17.52 27.72
CA LYS C 383 40.93 17.78 27.14
C LYS C 383 39.84 17.85 28.23
N LEU C 384 39.91 16.97 29.23
CA LEU C 384 38.99 17.04 30.35
C LEU C 384 39.28 18.23 31.27
N ALA C 385 40.54 18.66 31.35
CA ALA C 385 40.86 19.86 32.11
C ALA C 385 40.34 21.12 31.44
N ARG C 386 40.38 21.18 30.10
CA ARG C 386 39.78 22.30 29.38
C ARG C 386 38.27 22.30 29.48
N LEU C 387 37.65 21.11 29.55
CA LEU C 387 36.21 21.00 29.79
C LEU C 387 35.81 21.49 31.18
N ALA C 388 36.59 21.14 32.22
CA ALA C 388 36.26 21.61 33.57
C ALA C 388 36.57 23.09 33.75
N ALA C 389 37.53 23.62 32.99
CA ALA C 389 37.75 25.06 32.94
C ALA C 389 36.55 25.78 32.32
N GLU C 390 35.94 25.18 31.30
CA GLU C 390 34.73 25.75 30.73
C GLU C 390 33.53 25.59 31.66
N ILE C 391 33.54 24.56 32.51
CA ILE C 391 32.52 24.40 33.54
C ILE C 391 32.62 25.51 34.58
N GLU C 392 33.83 25.80 35.07
CA GLU C 392 33.99 26.86 36.05
C GLU C 392 33.98 28.26 35.42
N ASN C 393 34.03 28.37 34.09
CA ASN C 393 33.81 29.67 33.46
C ASN C 393 32.35 30.11 33.60
N ASN C 394 31.41 29.17 33.57
CA ASN C 394 30.01 29.49 33.82
C ASN C 394 29.53 28.84 35.11
#